data_8EX3
#
_entry.id   8EX3
#
_cell.length_a   75.440
_cell.length_b   108.950
_cell.length_c   118.166
_cell.angle_alpha   90.000
_cell.angle_beta   90.000
_cell.angle_gamma   90.000
#
_symmetry.space_group_name_H-M   'P 21 21 21'
#
loop_
_entity.id
_entity.type
_entity.pdbx_description
1 polymer 'M1 family aminopeptidase'
2 non-polymer 'ZINC ION'
3 non-polymer "N-[(1R)-2-(hydroxyamino)-2-oxo-1-(3',4',5'-trifluoro[1,1'-biphenyl]-4-yl)ethyl]-N~2~-phenylglycinamide"
4 non-polymer 'MAGNESIUM ION'
5 non-polymer GLYCEROL
6 water water
#
_entity_poly.entity_id   1
_entity_poly.type   'polypeptide(L)'
_entity_poly.pdbx_seq_one_letter_code
;MEPKIHYRKDYKPSGFIINQVTLNINIHDQETIVRSVLDMDISKHNVGEDLVFDGVGLKINEISINNKKLVEGEEYTYDN
EFLTIFSKFVPKSKFAFSSEVIIHPETNYALTGLYKSKNIIVSQCEATGFRRITFFIDRPDMMAKYDVTVTADKEKYPVL
LSNGDKVNEFEIPGGRHGARFNDPPLKPCYLFAVVAGDLKHLSATYITKYTKKKVELYVFSEEKYVSKLQWALECLKKSM
AFDEDYFGLEYDLSRLNLVAVSDFNVGAMENKGLNIFNANSLLASKKNSIDFSYARILTVVGHEYFHQYTGNRVTLRDWF
QLTLKEGLTVHRENLFSEEMTKTVTTRLSHVDLLRSVQFLEDSSPLSHPIRPESYVSMENFYTTTVYDKGSEVMRMYLTI
LGEEYYKKGFDIYIKKNDGNTATCEDFNYAMEQAYKMKKADNSANLNQYLLWFSQSGTPHVSFKYNYDAEKKQYSIHVNQ
YTKPDENQKEKKPLFIPISVGLINPENGKEMISQTTLELTKESDTFVFNNIAVKPIPSLFRGFSAPVYIEDQLTDEERIL
LLKYDSDAFVRYNSCTNIYMKQILMNYNEFLKAKNEKLESFQLTPVNAQFIDAIKYLLEDPHADAGFKSYIVSLPQDRYI
INFVSNLDTDVLADTKEYIYKQIGDKLNDVYYKMFKSLEAKADDLTYFNDESHVDFDQMNMRTLRNTLLSLLSKAQYPNI
LNEIIEHSKSPYPSNWLTSLSVSAYFDKYFELYDKTYKLSKDDELLLQEWLKTVSRSDRKDIYEILKKLENEVLKDSKNP
NDIRAVYLPFTNNLRRFHDISGKGYKLIAEVITKTDKFNPMVATQLCEPFKLWNKLDTKRQELMLNEMNTMLQEPQISNN
LKEYLLRLTNKLHHHHHH
;
_entity_poly.pdbx_strand_id   A
#
loop_
_chem_comp.id
_chem_comp.type
_chem_comp.name
_chem_comp.formula
GOL non-polymer GLYCEROL 'C3 H8 O3'
MG non-polymer 'MAGNESIUM ION' 'Mg 2'
X10 non-polymer N-[(1R)-2-(hydroxyamino)-2-oxo-1-(3',4',5'-trifluoro[1,1'-biphenyl]-4-yl)ethyl]-N~2~-phenylglycinamide 'C22 H18 F3 N3 O3'
ZN non-polymer 'ZINC ION' 'Zn 2'
#
# COMPACT_ATOMS: atom_id res chain seq x y z
N PRO A 3 -21.24 -20.33 0.71
CA PRO A 3 -20.35 -19.24 0.26
C PRO A 3 -21.12 -18.08 -0.39
N LYS A 4 -21.51 -17.10 0.43
CA LYS A 4 -22.40 -16.03 -0.01
C LYS A 4 -21.63 -15.00 -0.85
N ILE A 5 -22.12 -14.75 -2.05
CA ILE A 5 -21.56 -13.73 -2.93
C ILE A 5 -22.40 -12.47 -2.81
N HIS A 6 -21.76 -11.35 -2.54
CA HIS A 6 -22.42 -10.05 -2.50
C HIS A 6 -22.21 -9.36 -3.84
N TYR A 7 -23.27 -8.79 -4.39
CA TYR A 7 -23.22 -8.18 -5.72
C TYR A 7 -23.47 -6.68 -5.61
N ARG A 8 -22.64 -5.90 -6.30
CA ARG A 8 -22.74 -4.45 -6.19
C ARG A 8 -24.13 -3.97 -6.59
N LYS A 9 -24.73 -4.59 -7.62
CA LYS A 9 -26.01 -4.13 -8.10
C LYS A 9 -27.14 -4.44 -7.14
N ASP A 10 -26.92 -5.26 -6.13
CA ASP A 10 -27.97 -5.66 -5.21
C ASP A 10 -28.14 -4.73 -4.02
N TYR A 11 -27.42 -3.60 -3.99
CA TYR A 11 -27.50 -2.71 -2.85
C TYR A 11 -28.94 -2.27 -2.61
N LYS A 12 -29.37 -2.34 -1.34
CA LYS A 12 -30.67 -1.90 -0.90
C LYS A 12 -30.53 -1.41 0.53
N PRO A 13 -31.13 -0.28 0.87
CA PRO A 13 -31.10 0.17 2.27
C PRO A 13 -31.76 -0.82 3.20
N SER A 14 -31.29 -0.84 4.45
CA SER A 14 -31.82 -1.69 5.50
C SER A 14 -33.26 -1.33 5.83
N GLY A 15 -34.03 -2.33 6.25
CA GLY A 15 -35.35 -2.11 6.84
C GLY A 15 -35.33 -1.60 8.25
N PHE A 16 -34.14 -1.35 8.81
CA PHE A 16 -34.02 -0.88 10.18
C PHE A 16 -33.09 0.32 10.23
N ILE A 17 -33.15 1.01 11.36
CA ILE A 17 -32.25 2.11 11.69
C ILE A 17 -31.67 1.87 13.07
N ILE A 18 -30.39 2.18 13.25
CA ILE A 18 -29.75 2.17 14.57
C ILE A 18 -29.36 3.62 14.85
N ASN A 19 -30.04 4.24 15.81
CA ASN A 19 -29.82 5.65 16.10
C ASN A 19 -28.77 5.88 17.18
N GLN A 20 -28.74 5.02 18.21
CA GLN A 20 -27.80 5.20 19.30
C GLN A 20 -27.24 3.86 19.74
N VAL A 21 -25.92 3.83 19.99
CA VAL A 21 -25.21 2.68 20.53
C VAL A 21 -24.72 3.07 21.92
N THR A 22 -25.06 2.27 22.94
CA THR A 22 -24.51 2.48 24.27
C THR A 22 -23.81 1.20 24.69
N LEU A 23 -22.49 1.27 24.81
CA LEU A 23 -21.66 0.11 25.08
C LEU A 23 -21.04 0.19 26.47
N ASN A 24 -20.94 -0.98 27.10
CA ASN A 24 -20.14 -1.16 28.30
C ASN A 24 -19.21 -2.33 28.02
N ILE A 25 -17.91 -2.05 27.92
CA ILE A 25 -16.89 -3.06 27.62
C ILE A 25 -16.08 -3.30 28.90
N ASN A 26 -16.26 -4.46 29.52
CA ASN A 26 -15.61 -4.78 30.79
C ASN A 26 -14.56 -5.85 30.56
N ILE A 27 -13.28 -5.44 30.59
CA ILE A 27 -12.16 -6.32 30.30
C ILE A 27 -11.75 -7.05 31.58
N HIS A 28 -11.72 -8.38 31.53
CA HIS A 28 -11.28 -9.17 32.68
C HIS A 28 -10.10 -10.04 32.25
N ASP A 29 -9.57 -10.80 33.21
CA ASP A 29 -8.35 -11.57 32.97
CA ASP A 29 -8.35 -11.57 32.97
C ASP A 29 -8.56 -12.61 31.87
N GLN A 30 -9.64 -13.38 31.94
CA GLN A 30 -9.84 -14.50 31.04
CA GLN A 30 -9.84 -14.50 31.05
C GLN A 30 -10.92 -14.25 30.00
N GLU A 31 -11.60 -13.10 30.04
CA GLU A 31 -12.71 -12.84 29.14
C GLU A 31 -13.03 -11.36 29.18
N THR A 32 -13.76 -10.91 28.17
CA THR A 32 -14.28 -9.55 28.14
C THR A 32 -15.78 -9.62 27.95
N ILE A 33 -16.51 -8.91 28.80
CA ILE A 33 -17.96 -8.88 28.77
C ILE A 33 -18.39 -7.59 28.08
N VAL A 34 -19.23 -7.71 27.05
CA VAL A 34 -19.70 -6.56 26.29
C VAL A 34 -21.21 -6.48 26.42
N ARG A 35 -21.67 -5.39 27.05
CA ARG A 35 -23.09 -5.07 27.11
CA ARG A 35 -23.08 -5.07 27.12
C ARG A 35 -23.37 -3.94 26.14
N SER A 36 -24.49 -4.04 25.43
CA SER A 36 -24.83 -3.09 24.39
C SER A 36 -26.33 -2.85 24.38
N VAL A 37 -26.73 -1.60 24.35
CA VAL A 37 -28.10 -1.20 24.08
C VAL A 37 -28.10 -0.44 22.77
N LEU A 38 -28.94 -0.89 21.83
CA LEU A 38 -29.11 -0.21 20.55
C LEU A 38 -30.50 0.43 20.53
N ASP A 39 -30.56 1.73 20.35
CA ASP A 39 -31.85 2.39 20.18
C ASP A 39 -32.16 2.38 18.69
N MET A 40 -33.23 1.68 18.31
CA MET A 40 -33.45 1.33 16.92
C MET A 40 -34.83 1.82 16.48
N ASP A 41 -35.04 1.76 15.17
CA ASP A 41 -36.30 2.17 14.57
C ASP A 41 -36.51 1.36 13.31
N ILE A 42 -37.74 1.42 12.82
CA ILE A 42 -38.15 0.77 11.59
C ILE A 42 -38.00 1.78 10.46
N SER A 43 -37.29 1.39 9.41
CA SER A 43 -37.04 2.29 8.27
C SER A 43 -38.19 2.24 7.28
N LYS A 44 -38.22 3.23 6.39
CA LYS A 44 -39.27 3.30 5.37
C LYS A 44 -39.20 2.14 4.39
N HIS A 45 -38.07 1.44 4.34
CA HIS A 45 -37.91 0.29 3.47
C HIS A 45 -38.33 -1.03 4.11
N ASN A 46 -38.68 -1.01 5.38
CA ASN A 46 -39.06 -2.23 6.08
C ASN A 46 -40.30 -2.85 5.43
N VAL A 47 -40.30 -4.19 5.35
CA VAL A 47 -41.44 -4.95 4.81
C VAL A 47 -41.80 -6.08 5.75
N GLY A 48 -41.59 -5.88 7.04
CA GLY A 48 -41.95 -6.88 8.05
C GLY A 48 -40.98 -8.03 8.18
N GLU A 49 -39.72 -7.85 7.81
CA GLU A 49 -38.75 -8.93 7.83
C GLU A 49 -38.30 -9.25 9.26
N ASP A 50 -37.70 -10.44 9.41
CA ASP A 50 -36.96 -10.74 10.63
C ASP A 50 -35.88 -9.68 10.85
N LEU A 51 -35.60 -9.41 12.12
CA LEU A 51 -34.45 -8.57 12.50
C LEU A 51 -33.23 -9.48 12.57
N VAL A 52 -32.27 -9.27 11.69
CA VAL A 52 -31.08 -10.11 11.62
C VAL A 52 -29.87 -9.25 11.92
N PHE A 53 -29.16 -9.59 12.99
CA PHE A 53 -27.90 -8.95 13.31
C PHE A 53 -26.73 -9.81 12.88
N ASP A 54 -25.65 -9.14 12.49
CA ASP A 54 -24.35 -9.79 12.42
C ASP A 54 -23.78 -9.99 13.81
N GLY A 55 -23.17 -11.14 14.05
CA GLY A 55 -22.55 -11.44 15.31
C GLY A 55 -21.73 -12.71 15.15
N VAL A 56 -20.41 -12.61 15.22
CA VAL A 56 -19.52 -13.70 14.85
C VAL A 56 -18.71 -14.12 16.07
N GLY A 57 -18.87 -15.38 16.48
CA GLY A 57 -18.11 -15.87 17.60
C GLY A 57 -18.47 -15.25 18.94
N LEU A 58 -19.69 -14.78 19.10
CA LEU A 58 -20.14 -14.19 20.36
C LEU A 58 -20.76 -15.28 21.23
N LYS A 59 -20.48 -15.23 22.54
CA LYS A 59 -21.15 -16.09 23.51
C LYS A 59 -22.27 -15.28 24.17
N ILE A 60 -23.51 -15.71 23.96
CA ILE A 60 -24.67 -14.95 24.42
C ILE A 60 -24.91 -15.22 25.92
N ASN A 61 -24.91 -14.14 26.72
CA ASN A 61 -25.41 -14.22 28.08
C ASN A 61 -26.89 -13.90 28.14
N GLU A 62 -27.30 -12.79 27.51
CA GLU A 62 -28.73 -12.58 27.33
C GLU A 62 -28.96 -11.60 26.22
N ILE A 63 -30.17 -11.65 25.66
N ILE A 63 -30.21 -11.59 25.74
CA ILE A 63 -30.62 -10.60 24.75
CA ILE A 63 -30.68 -10.71 24.69
C ILE A 63 -32.04 -10.22 25.12
C ILE A 63 -32.09 -10.26 25.04
N SER A 64 -32.37 -8.97 24.83
CA SER A 64 -33.64 -8.40 25.23
C SER A 64 -34.10 -7.41 24.18
N ILE A 65 -35.41 -7.22 24.12
CA ILE A 65 -36.02 -6.13 23.36
C ILE A 65 -36.93 -5.38 24.33
N ASN A 66 -36.71 -4.07 24.45
CA ASN A 66 -37.45 -3.25 25.42
C ASN A 66 -37.41 -3.86 26.82
N ASN A 67 -36.22 -4.32 27.23
CA ASN A 67 -35.99 -4.82 28.57
C ASN A 67 -36.75 -6.10 28.87
N LYS A 68 -37.24 -6.81 27.85
CA LYS A 68 -37.83 -8.13 28.03
C LYS A 68 -36.86 -9.16 27.47
N LYS A 69 -36.39 -10.05 28.33
CA LYS A 69 -35.46 -11.10 27.94
C LYS A 69 -36.07 -12.00 26.87
N LEU A 70 -35.34 -12.22 25.79
CA LEU A 70 -35.77 -13.10 24.71
C LEU A 70 -35.25 -14.52 24.94
N VAL A 71 -35.98 -15.50 24.43
CA VAL A 71 -35.69 -16.91 24.71
C VAL A 71 -35.28 -17.61 23.42
N GLU A 72 -34.13 -18.29 23.48
CA GLU A 72 -33.59 -19.02 22.34
C GLU A 72 -34.59 -20.03 21.79
N GLY A 73 -34.64 -20.15 20.48
CA GLY A 73 -35.53 -21.09 19.81
C GLY A 73 -36.93 -20.59 19.49
N GLU A 74 -37.62 -20.07 20.50
CA GLU A 74 -38.97 -19.55 20.29
C GLU A 74 -38.95 -18.18 19.63
N GLU A 75 -38.06 -17.30 20.08
CA GLU A 75 -38.03 -15.92 19.65
C GLU A 75 -36.78 -15.53 18.86
N TYR A 76 -35.68 -16.29 18.98
CA TYR A 76 -34.51 -15.98 18.19
C TYR A 76 -33.70 -17.25 17.99
N THR A 77 -32.88 -17.23 16.93
CA THR A 77 -31.86 -18.25 16.70
C THR A 77 -30.51 -17.55 16.52
N TYR A 78 -29.45 -18.25 16.91
CA TYR A 78 -28.09 -17.75 16.74
C TYR A 78 -27.21 -18.90 16.26
N ASP A 79 -26.50 -18.71 15.15
CA ASP A 79 -25.70 -19.77 14.53
C ASP A 79 -24.21 -19.41 14.47
N ASN A 80 -23.75 -18.53 15.37
CA ASN A 80 -22.38 -18.05 15.48
C ASN A 80 -22.01 -17.07 14.38
N GLU A 81 -22.98 -16.67 13.54
CA GLU A 81 -22.72 -15.74 12.45
C GLU A 81 -23.82 -14.70 12.36
N PHE A 82 -25.07 -15.14 12.55
CA PHE A 82 -26.25 -14.29 12.46
C PHE A 82 -27.16 -14.54 13.66
N LEU A 83 -27.61 -13.45 14.28
CA LEU A 83 -28.68 -13.49 15.26
C LEU A 83 -29.97 -13.09 14.54
N THR A 84 -30.94 -14.00 14.53
CA THR A 84 -32.22 -13.77 13.86
C THR A 84 -33.29 -13.64 14.92
N ILE A 85 -33.96 -12.50 14.96
CA ILE A 85 -35.13 -12.30 15.82
C ILE A 85 -36.36 -12.36 14.95
N PHE A 86 -37.24 -13.32 15.22
CA PHE A 86 -38.37 -13.56 14.34
C PHE A 86 -39.30 -12.35 14.33
N SER A 87 -39.77 -12.00 13.14
CA SER A 87 -40.38 -10.68 12.95
C SER A 87 -41.60 -10.48 13.84
N LYS A 88 -42.31 -11.55 14.19
CA LYS A 88 -43.45 -11.43 15.09
C LYS A 88 -43.06 -10.84 16.45
N PHE A 89 -41.78 -10.89 16.80
CA PHE A 89 -41.28 -10.35 18.06
C PHE A 89 -40.52 -9.03 17.88
N VAL A 90 -40.50 -8.49 16.67
CA VAL A 90 -39.85 -7.22 16.38
C VAL A 90 -40.87 -6.09 16.49
N PRO A 91 -40.62 -5.06 17.30
CA PRO A 91 -41.60 -3.97 17.41
C PRO A 91 -41.78 -3.24 16.09
N LYS A 92 -42.91 -2.52 15.99
CA LYS A 92 -43.24 -1.78 14.78
C LYS A 92 -42.88 -0.32 14.87
N SER A 93 -42.41 0.14 16.04
CA SER A 93 -41.97 1.51 16.22
C SER A 93 -40.61 1.51 16.90
N LYS A 94 -40.13 2.67 17.34
CA LYS A 94 -38.84 2.78 18.02
C LYS A 94 -38.75 1.80 19.18
N PHE A 95 -37.63 1.10 19.27
CA PHE A 95 -37.44 0.12 20.32
C PHE A 95 -35.98 0.07 20.71
N ALA A 96 -35.72 -0.57 21.85
CA ALA A 96 -34.38 -0.81 22.34
C ALA A 96 -34.07 -2.30 22.23
N PHE A 97 -32.93 -2.63 21.64
CA PHE A 97 -32.41 -3.98 21.67
C PHE A 97 -31.19 -3.99 22.58
N SER A 98 -31.12 -4.94 23.50
CA SER A 98 -29.92 -5.01 24.33
C SER A 98 -29.37 -6.42 24.35
N SER A 99 -28.08 -6.52 24.64
CA SER A 99 -27.45 -7.83 24.70
C SER A 99 -26.23 -7.78 25.61
N GLU A 100 -25.91 -8.93 26.19
CA GLU A 100 -24.64 -9.12 26.88
C GLU A 100 -23.97 -10.35 26.31
N VAL A 101 -22.74 -10.19 25.84
CA VAL A 101 -21.98 -11.27 25.22
C VAL A 101 -20.60 -11.31 25.86
N ILE A 102 -19.94 -12.46 25.69
CA ILE A 102 -18.58 -12.67 26.17
C ILE A 102 -17.69 -12.91 24.96
N ILE A 103 -16.55 -12.24 24.93
CA ILE A 103 -15.54 -12.45 23.90
C ILE A 103 -14.20 -12.62 24.60
N HIS A 104 -13.17 -12.96 23.81
CA HIS A 104 -11.91 -13.46 24.35
C HIS A 104 -10.72 -12.87 23.61
N PRO A 105 -10.41 -11.59 23.87
CA PRO A 105 -9.32 -10.94 23.11
C PRO A 105 -7.96 -11.61 23.29
N GLU A 106 -7.73 -12.26 24.43
CA GLU A 106 -6.41 -12.85 24.69
C GLU A 106 -6.03 -13.87 23.62
N THR A 107 -6.99 -14.65 23.14
CA THR A 107 -6.72 -15.72 22.19
C THR A 107 -7.16 -15.35 20.78
N ASN A 108 -7.46 -14.08 20.54
CA ASN A 108 -7.91 -13.62 19.22
C ASN A 108 -6.67 -13.30 18.39
N TYR A 109 -6.08 -14.34 17.82
CA TYR A 109 -4.83 -14.17 17.08
C TYR A 109 -5.02 -13.72 15.65
N ALA A 110 -6.28 -13.61 15.17
CA ALA A 110 -6.55 -13.13 13.82
C ALA A 110 -6.54 -11.62 13.75
N LEU A 111 -6.51 -10.95 14.91
CA LEU A 111 -6.30 -9.51 15.01
C LEU A 111 -7.42 -8.72 14.33
N THR A 112 -8.64 -9.24 14.41
CA THR A 112 -9.83 -8.56 13.95
C THR A 112 -10.86 -8.62 15.07
N GLY A 113 -11.66 -7.56 15.21
CA GLY A 113 -12.50 -7.47 16.40
C GLY A 113 -11.71 -6.89 17.56
N LEU A 114 -11.89 -7.43 18.77
CA LEU A 114 -11.17 -6.97 19.94
C LEU A 114 -10.07 -8.00 20.24
N TYR A 115 -8.82 -7.53 20.34
CA TYR A 115 -7.74 -8.48 20.56
C TYR A 115 -6.66 -7.89 21.45
N LYS A 116 -5.75 -8.75 21.86
CA LYS A 116 -4.65 -8.36 22.71
C LYS A 116 -3.37 -8.41 21.88
N SER A 117 -2.64 -7.31 21.86
CA SER A 117 -1.33 -7.23 21.22
C SER A 117 -0.33 -6.96 22.34
N LYS A 118 0.46 -7.97 22.70
CA LYS A 118 1.37 -7.91 23.85
CA LYS A 118 1.37 -7.91 23.84
C LYS A 118 0.51 -7.57 25.06
N ASN A 119 0.69 -6.42 25.71
CA ASN A 119 -0.12 -6.08 26.87
C ASN A 119 -1.14 -4.97 26.59
N ILE A 120 -1.48 -4.75 25.32
CA ILE A 120 -2.45 -3.74 24.92
C ILE A 120 -3.69 -4.44 24.37
N ILE A 121 -4.86 -4.05 24.89
CA ILE A 121 -6.14 -4.44 24.29
C ILE A 121 -6.48 -3.41 23.21
N VAL A 122 -6.85 -3.88 22.02
CA VAL A 122 -7.01 -2.97 20.90
C VAL A 122 -8.05 -3.58 19.95
N SER A 123 -8.79 -2.73 19.24
CA SER A 123 -9.77 -3.19 18.27
C SER A 123 -9.30 -2.96 16.83
N GLN A 124 -9.82 -3.78 15.92
CA GLN A 124 -9.75 -3.50 14.48
C GLN A 124 -11.08 -3.92 13.87
N CYS A 125 -11.88 -2.92 13.47
CA CYS A 125 -13.23 -3.19 13.01
C CYS A 125 -13.42 -3.10 11.49
N GLU A 126 -12.63 -2.34 10.76
CA GLU A 126 -12.75 -2.40 9.30
C GLU A 126 -12.32 -3.77 8.82
N ALA A 127 -13.08 -4.35 7.88
CA ALA A 127 -14.34 -3.86 7.33
C ALA A 127 -15.55 -4.31 8.15
N THR A 128 -15.57 -5.61 8.49
CA THR A 128 -16.72 -6.24 9.14
C THR A 128 -16.28 -6.91 10.44
N GLY A 129 -15.44 -6.22 11.22
CA GLY A 129 -14.98 -6.70 12.51
C GLY A 129 -15.79 -6.25 13.71
N PHE A 130 -16.60 -5.18 13.59
CA PHE A 130 -17.41 -4.78 14.73
C PHE A 130 -18.31 -5.94 15.19
N ARG A 131 -18.80 -6.76 14.25
CA ARG A 131 -19.67 -7.90 14.59
C ARG A 131 -18.97 -8.96 15.43
N ARG A 132 -17.65 -8.90 15.55
CA ARG A 132 -16.93 -9.80 16.44
C ARG A 132 -16.84 -9.24 17.86
N ILE A 133 -17.35 -8.03 18.07
CA ILE A 133 -17.40 -7.41 19.38
C ILE A 133 -18.80 -7.47 19.98
N THR A 134 -19.81 -7.18 19.17
CA THR A 134 -21.19 -7.24 19.63
C THR A 134 -22.09 -7.33 18.41
N PHE A 135 -23.38 -7.55 18.66
CA PHE A 135 -24.34 -7.65 17.57
C PHE A 135 -24.56 -6.30 16.90
N PHE A 136 -24.66 -6.31 15.58
CA PHE A 136 -24.90 -5.06 14.86
C PHE A 136 -25.38 -5.39 13.46
N ILE A 137 -25.96 -4.40 12.80
CA ILE A 137 -26.18 -4.48 11.36
C ILE A 137 -24.92 -3.89 10.75
N ASP A 138 -23.92 -4.75 10.53
CA ASP A 138 -22.51 -4.35 10.37
C ASP A 138 -22.24 -4.01 8.90
N ARG A 139 -22.57 -2.78 8.54
CA ARG A 139 -22.43 -2.26 7.19
C ARG A 139 -22.38 -0.74 7.29
N PRO A 140 -21.62 -0.08 6.42
CA PRO A 140 -21.25 1.32 6.69
C PRO A 140 -22.37 2.32 6.50
N ASP A 141 -23.51 1.93 5.93
CA ASP A 141 -24.62 2.89 5.84
C ASP A 141 -25.48 2.90 7.08
N MET A 142 -25.14 2.14 8.11
CA MET A 142 -25.90 2.11 9.37
C MET A 142 -25.19 3.06 10.35
N MET A 143 -25.46 4.36 10.17
CA MET A 143 -24.79 5.42 10.92
C MET A 143 -25.49 5.67 12.24
N ALA A 144 -24.69 5.80 13.31
CA ALA A 144 -25.25 5.91 14.66
C ALA A 144 -24.37 6.77 15.55
N LYS A 145 -24.95 7.23 16.66
CA LYS A 145 -24.23 7.88 17.75
C LYS A 145 -23.72 6.82 18.73
N TYR A 146 -22.57 7.10 19.36
CA TYR A 146 -21.92 6.12 20.23
C TYR A 146 -21.62 6.71 21.60
N ASP A 147 -21.93 5.94 22.65
CA ASP A 147 -21.65 6.29 24.03
C ASP A 147 -21.00 5.05 24.61
N VAL A 148 -19.70 5.11 24.92
CA VAL A 148 -18.91 3.91 25.18
C VAL A 148 -18.23 4.02 26.53
N THR A 149 -18.44 3.02 27.39
CA THR A 149 -17.77 2.93 28.67
C THR A 149 -16.87 1.71 28.65
N VAL A 150 -15.61 1.89 29.04
CA VAL A 150 -14.64 0.82 29.15
C VAL A 150 -14.20 0.70 30.60
N THR A 151 -14.14 -0.52 31.12
CA THR A 151 -13.62 -0.77 32.46
C THR A 151 -12.56 -1.86 32.41
N ALA A 152 -11.61 -1.79 33.34
CA ALA A 152 -10.47 -2.70 33.34
C ALA A 152 -9.70 -2.57 34.64
N ASP A 153 -8.82 -3.56 34.87
CA ASP A 153 -7.87 -3.44 35.97
C ASP A 153 -7.01 -2.20 35.80
N LYS A 154 -6.89 -1.41 36.86
CA LYS A 154 -6.23 -0.11 36.68
C LYS A 154 -4.72 -0.26 36.54
N GLU A 155 -4.13 -1.21 37.26
CA GLU A 155 -2.68 -1.40 37.18
C GLU A 155 -2.26 -1.90 35.81
N LYS A 156 -3.02 -2.83 35.22
CA LYS A 156 -2.65 -3.35 33.90
C LYS A 156 -3.02 -2.40 32.78
N TYR A 157 -4.13 -1.68 32.93
CA TYR A 157 -4.70 -0.88 31.86
C TYR A 157 -5.04 0.53 32.35
N PRO A 158 -4.04 1.34 32.70
CA PRO A 158 -4.32 2.69 33.23
C PRO A 158 -4.82 3.65 32.17
N VAL A 159 -4.54 3.42 30.90
CA VAL A 159 -4.95 4.31 29.81
C VAL A 159 -6.10 3.64 29.07
N LEU A 160 -7.25 4.30 29.05
CA LEU A 160 -8.43 3.83 28.33
C LEU A 160 -8.78 4.88 27.28
N LEU A 161 -9.05 4.42 26.05
CA LEU A 161 -9.39 5.33 24.97
C LEU A 161 -10.52 4.76 24.12
N SER A 162 -11.40 5.63 23.66
CA SER A 162 -12.35 5.31 22.59
C SER A 162 -12.57 6.58 21.75
N ASN A 163 -13.53 6.53 20.82
CA ASN A 163 -13.85 7.71 20.04
C ASN A 163 -14.59 8.76 20.86
N GLY A 164 -14.45 10.02 20.45
CA GLY A 164 -15.23 11.10 21.06
C GLY A 164 -14.54 11.72 22.26
N ASP A 165 -15.35 12.40 23.08
CA ASP A 165 -14.83 13.11 24.24
C ASP A 165 -14.90 12.21 25.46
N LYS A 166 -13.82 12.18 26.25
CA LYS A 166 -13.85 11.48 27.52
C LYS A 166 -14.65 12.33 28.50
N VAL A 167 -15.82 11.84 28.90
CA VAL A 167 -16.74 12.63 29.72
C VAL A 167 -16.78 12.19 31.17
N ASN A 168 -16.25 11.02 31.49
CA ASN A 168 -16.17 10.59 32.89
C ASN A 168 -15.02 9.60 33.07
N GLU A 169 -14.45 9.62 34.27
CA GLU A 169 -13.45 8.67 34.72
C GLU A 169 -13.81 8.32 36.15
N PHE A 170 -13.80 7.03 36.49
CA PHE A 170 -14.28 6.65 37.81
C PHE A 170 -13.55 5.43 38.32
N GLU A 171 -13.55 5.28 39.65
CA GLU A 171 -12.96 4.12 40.29
C GLU A 171 -14.01 3.04 40.50
N ILE A 172 -13.55 1.79 40.50
CA ILE A 172 -14.41 0.62 40.64
C ILE A 172 -13.79 -0.27 41.72
N PRO A 173 -14.59 -0.83 42.63
CA PRO A 173 -14.02 -1.72 43.65
C PRO A 173 -13.26 -2.87 43.02
N GLY A 174 -12.26 -3.37 43.77
CA GLY A 174 -11.45 -4.46 43.29
C GLY A 174 -10.28 -4.07 42.43
N GLY A 175 -9.81 -2.82 42.51
CA GLY A 175 -8.66 -2.41 41.72
C GLY A 175 -8.97 -2.06 40.28
N ARG A 176 -10.22 -1.77 39.95
CA ARG A 176 -10.62 -1.48 38.58
C ARG A 176 -10.91 0.01 38.42
N HIS A 177 -11.09 0.43 37.17
CA HIS A 177 -11.48 1.81 36.91
C HIS A 177 -12.19 1.82 35.56
N GLY A 178 -12.89 2.93 35.29
CA GLY A 178 -13.61 3.06 34.05
C GLY A 178 -13.43 4.44 33.44
N ALA A 179 -13.72 4.52 32.14
CA ALA A 179 -13.81 5.79 31.44
C ALA A 179 -14.99 5.73 30.47
N ARG A 180 -15.73 6.83 30.40
CA ARG A 180 -16.86 6.94 29.49
C ARG A 180 -16.53 7.94 28.39
N PHE A 181 -16.81 7.56 27.15
CA PHE A 181 -16.55 8.35 25.95
C PHE A 181 -17.84 8.57 25.17
N ASN A 182 -18.22 9.82 24.96
CA ASN A 182 -19.42 10.14 24.19
C ASN A 182 -18.98 10.75 22.86
N ASP A 183 -19.52 10.22 21.77
CA ASP A 183 -19.16 10.62 20.41
C ASP A 183 -20.44 10.93 19.64
N PRO A 184 -20.94 12.16 19.76
CA PRO A 184 -22.27 12.48 19.23
C PRO A 184 -22.37 12.43 17.70
N PRO A 185 -21.35 12.81 16.92
CA PRO A 185 -21.52 12.76 15.47
C PRO A 185 -21.76 11.35 14.97
N LEU A 186 -22.65 11.22 13.98
CA LEU A 186 -22.96 9.91 13.42
C LEU A 186 -21.71 9.28 12.80
N LYS A 187 -21.55 7.97 12.97
CA LYS A 187 -20.45 7.29 12.27
C LYS A 187 -20.85 5.86 11.95
N PRO A 188 -20.25 5.27 10.93
CA PRO A 188 -20.37 3.82 10.72
C PRO A 188 -19.55 3.04 11.74
N CYS A 189 -19.97 1.80 11.96
CA CYS A 189 -19.39 1.03 13.05
C CYS A 189 -17.95 0.58 12.75
N TYR A 190 -17.53 0.55 11.48
CA TYR A 190 -16.14 0.18 11.23
C TYR A 190 -15.16 1.22 11.74
N LEU A 191 -15.61 2.43 12.10
CA LEU A 191 -14.73 3.46 12.63
C LEU A 191 -14.73 3.51 14.16
N PHE A 192 -15.51 2.65 14.81
CA PHE A 192 -15.41 2.47 16.25
C PHE A 192 -14.03 1.92 16.61
N ALA A 193 -13.48 2.40 17.74
CA ALA A 193 -12.27 1.79 18.28
C ALA A 193 -12.22 1.94 19.79
N VAL A 194 -11.49 1.03 20.42
CA VAL A 194 -11.19 1.09 21.84
C VAL A 194 -9.76 0.58 22.02
N VAL A 195 -9.05 1.19 22.97
CA VAL A 195 -7.68 0.83 23.32
C VAL A 195 -7.57 0.86 24.83
N ALA A 196 -6.91 -0.14 25.41
CA ALA A 196 -6.64 -0.15 26.85
C ALA A 196 -5.22 -0.64 27.07
N GLY A 197 -4.43 0.08 27.85
CA GLY A 197 -3.09 -0.42 28.13
C GLY A 197 -2.29 0.53 28.98
N ASP A 198 -1.06 0.11 29.27
CA ASP A 198 -0.13 0.93 30.06
C ASP A 198 0.69 1.80 29.09
N LEU A 199 0.02 2.77 28.49
CA LEU A 199 0.58 3.54 27.38
C LEU A 199 1.27 4.79 27.88
N LYS A 200 2.40 5.13 27.24
CA LYS A 200 3.06 6.41 27.45
C LYS A 200 2.90 7.25 26.20
N HIS A 201 3.10 8.57 26.32
CA HIS A 201 2.73 9.43 25.20
C HIS A 201 3.65 10.64 25.08
N LEU A 202 3.60 11.24 23.89
CA LEU A 202 4.02 12.61 23.64
C LEU A 202 2.78 13.37 23.21
N SER A 203 2.72 14.68 23.48
CA SER A 203 1.56 15.48 23.15
CA SER A 203 1.56 15.47 23.10
C SER A 203 1.98 16.86 22.67
N ALA A 204 1.08 17.52 21.95
CA ALA A 204 1.29 18.88 21.48
C ALA A 204 -0.08 19.51 21.21
N THR A 205 -0.09 20.82 21.07
CA THR A 205 -1.33 21.52 20.74
C THR A 205 -1.18 22.14 19.35
N TYR A 206 -2.18 21.92 18.50
CA TYR A 206 -2.24 22.45 17.14
C TYR A 206 -3.39 23.44 17.06
N ILE A 207 -3.13 24.62 16.50
CA ILE A 207 -4.17 25.63 16.35
C ILE A 207 -4.55 25.71 14.88
N THR A 208 -5.82 25.49 14.59
CA THR A 208 -6.21 25.39 13.17
C THR A 208 -6.10 26.75 12.48
N LYS A 209 -6.03 26.69 11.15
CA LYS A 209 -5.65 27.86 10.35
C LYS A 209 -6.73 28.94 10.35
N TYR A 210 -8.00 28.56 10.32
CA TYR A 210 -9.07 29.53 10.10
C TYR A 210 -9.97 29.73 11.32
N THR A 211 -10.53 28.64 11.87
CA THR A 211 -11.35 28.77 13.07
C THR A 211 -10.50 28.99 14.31
N LYS A 212 -9.19 28.77 14.24
CA LYS A 212 -8.27 28.96 15.37
C LYS A 212 -8.67 28.06 16.55
N LYS A 213 -9.12 26.85 16.24
CA LYS A 213 -9.44 25.87 17.27
C LYS A 213 -8.17 25.21 17.78
N LYS A 214 -8.11 25.01 19.10
CA LYS A 214 -7.03 24.25 19.73
C LYS A 214 -7.36 22.75 19.65
N VAL A 215 -6.47 21.98 19.03
CA VAL A 215 -6.60 20.55 18.90
C VAL A 215 -5.47 19.91 19.69
N GLU A 216 -5.81 19.02 20.62
CA GLU A 216 -4.80 18.28 21.36
CA GLU A 216 -4.79 18.28 21.37
C GLU A 216 -4.37 17.06 20.57
N LEU A 217 -3.07 16.91 20.36
CA LEU A 217 -2.50 15.80 19.60
C LEU A 217 -1.76 14.88 20.57
N TYR A 218 -2.11 13.60 20.58
CA TYR A 218 -1.46 12.62 21.44
C TYR A 218 -0.94 11.46 20.61
N VAL A 219 0.29 11.04 20.88
CA VAL A 219 0.86 9.84 20.25
C VAL A 219 1.28 8.88 21.35
N PHE A 220 0.85 7.61 21.23
CA PHE A 220 0.99 6.65 22.31
C PHE A 220 1.79 5.43 21.86
N SER A 221 2.57 4.87 22.79
CA SER A 221 3.20 3.57 22.59
C SER A 221 3.39 2.91 23.95
N GLU A 222 3.81 1.64 23.93
CA GLU A 222 4.28 1.02 25.17
C GLU A 222 5.49 1.78 25.69
N GLU A 223 5.69 1.71 27.02
CA GLU A 223 6.70 2.53 27.67
C GLU A 223 8.10 2.31 27.09
N LYS A 224 8.42 1.08 26.68
CA LYS A 224 9.76 0.80 26.19
C LYS A 224 10.12 1.68 25.00
N TYR A 225 9.14 2.09 24.19
CA TYR A 225 9.43 2.71 22.91
C TYR A 225 8.94 4.16 22.83
N VAL A 226 8.65 4.79 23.97
CA VAL A 226 8.10 6.14 23.94
C VAL A 226 9.08 7.11 23.28
N SER A 227 10.38 6.84 23.37
CA SER A 227 11.36 7.71 22.74
C SER A 227 11.30 7.67 21.22
N LYS A 228 10.51 6.78 20.63
CA LYS A 228 10.41 6.66 19.18
C LYS A 228 9.16 7.35 18.62
N LEU A 229 8.50 8.19 19.42
CA LEU A 229 7.24 8.78 18.99
C LEU A 229 7.39 10.15 18.33
N GLN A 230 8.58 10.77 18.39
CA GLN A 230 8.70 12.19 18.04
C GLN A 230 8.39 12.46 16.57
N TRP A 231 8.95 11.66 15.66
CA TRP A 231 8.74 11.92 14.23
C TRP A 231 7.26 11.82 13.87
N ALA A 232 6.55 10.82 14.41
CA ALA A 232 5.13 10.67 14.14
C ALA A 232 4.35 11.93 14.51
N LEU A 233 4.69 12.55 15.65
CA LEU A 233 4.01 13.78 16.05
C LEU A 233 4.26 14.91 15.06
N GLU A 234 5.52 15.07 14.63
CA GLU A 234 5.84 16.06 13.60
C GLU A 234 5.08 15.79 12.32
N CYS A 235 4.98 14.52 11.93
CA CYS A 235 4.26 14.16 10.72
C CYS A 235 2.80 14.51 10.83
N LEU A 236 2.22 14.32 12.02
CA LEU A 236 0.81 14.66 12.18
C LEU A 236 0.60 16.16 12.03
N LYS A 237 1.47 16.97 12.63
CA LYS A 237 1.36 18.43 12.44
C LYS A 237 1.47 18.80 10.97
N LYS A 238 2.42 18.18 10.25
CA LYS A 238 2.59 18.44 8.83
C LYS A 238 1.33 18.07 8.04
N SER A 239 0.70 16.95 8.40
CA SER A 239 -0.50 16.48 7.69
C SER A 239 -1.64 17.47 7.86
N MET A 240 -1.84 17.92 9.10
CA MET A 240 -2.88 18.91 9.37
C MET A 240 -2.66 20.17 8.56
N ALA A 241 -1.42 20.66 8.51
CA ALA A 241 -1.14 21.90 7.78
C ALA A 241 -1.37 21.72 6.29
N PHE A 242 -0.99 20.56 5.73
CA PHE A 242 -1.18 20.34 4.30
C PHE A 242 -2.66 20.32 3.94
N ASP A 243 -3.49 19.62 4.71
CA ASP A 243 -4.91 19.62 4.37
C ASP A 243 -5.48 21.04 4.45
N GLU A 244 -5.01 21.82 5.42
CA GLU A 244 -5.42 23.23 5.51
C GLU A 244 -4.94 24.03 4.30
N ASP A 245 -3.66 23.84 3.91
CA ASP A 245 -3.04 24.70 2.91
C ASP A 245 -3.48 24.34 1.49
N TYR A 246 -3.50 23.05 1.14
CA TYR A 246 -3.89 22.64 -0.21
C TYR A 246 -5.40 22.62 -0.36
N PHE A 247 -6.11 22.01 0.60
CA PHE A 247 -7.54 21.76 0.44
C PHE A 247 -8.41 22.70 1.27
N GLY A 248 -7.84 23.52 2.15
CA GLY A 248 -8.66 24.38 2.97
C GLY A 248 -9.46 23.67 4.03
N LEU A 249 -9.02 22.49 4.47
CA LEU A 249 -9.77 21.65 5.38
C LEU A 249 -9.09 21.62 6.75
N GLU A 250 -9.89 21.87 7.80
CA GLU A 250 -9.41 21.83 9.19
C GLU A 250 -10.02 20.66 9.94
N TYR A 251 -9.26 20.16 10.92
CA TYR A 251 -9.78 19.16 11.85
C TYR A 251 -10.89 19.76 12.70
N ASP A 252 -11.93 18.96 12.93
CA ASP A 252 -13.15 19.41 13.57
C ASP A 252 -13.27 19.02 15.04
N LEU A 253 -12.38 18.17 15.55
CA LEU A 253 -12.54 17.62 16.89
C LEU A 253 -11.51 18.20 17.84
N SER A 254 -11.76 18.03 19.14
CA SER A 254 -10.88 18.62 20.15
CA SER A 254 -10.87 18.63 20.14
C SER A 254 -9.57 17.86 20.31
N ARG A 255 -9.52 16.60 19.88
CA ARG A 255 -8.38 15.75 20.18
C ARG A 255 -8.21 14.72 19.08
N LEU A 256 -6.96 14.36 18.80
CA LEU A 256 -6.65 13.27 17.90
C LEU A 256 -5.58 12.41 18.57
N ASN A 257 -5.86 11.12 18.72
CA ASN A 257 -4.94 10.16 19.31
C ASN A 257 -4.39 9.24 18.24
N LEU A 258 -3.07 8.98 18.28
CA LEU A 258 -2.42 7.96 17.46
C LEU A 258 -1.82 6.93 18.40
N VAL A 259 -2.03 5.63 18.12
CA VAL A 259 -1.58 4.57 19.02
C VAL A 259 -0.84 3.51 18.22
N ALA A 260 0.36 3.14 18.67
CA ALA A 260 1.13 2.06 18.06
C ALA A 260 0.91 0.75 18.82
N VAL A 261 0.65 -0.33 18.07
CA VAL A 261 0.61 -1.67 18.65
C VAL A 261 1.52 -2.58 17.83
N SER A 262 2.04 -3.62 18.47
CA SER A 262 3.04 -4.49 17.86
C SER A 262 2.43 -5.48 16.87
N ASP A 263 1.18 -5.88 17.10
CA ASP A 263 0.52 -6.90 16.28
C ASP A 263 -0.60 -6.27 15.47
N PHE A 264 -0.39 -6.14 14.16
CA PHE A 264 -1.36 -5.46 13.31
C PHE A 264 -1.33 -6.09 11.92
N ASN A 265 -2.51 -6.31 11.34
CA ASN A 265 -2.58 -7.00 10.05
C ASN A 265 -2.04 -6.15 8.90
N VAL A 266 -2.17 -4.82 8.99
CA VAL A 266 -1.77 -3.94 7.89
C VAL A 266 -0.93 -2.78 8.44
N GLY A 267 -0.98 -1.63 7.79
CA GLY A 267 -0.19 -0.48 8.23
C GLY A 267 -0.83 0.36 9.33
N ALA A 268 -2.07 0.80 9.14
CA ALA A 268 -2.75 1.62 10.14
C ALA A 268 -4.23 1.76 9.77
N MET A 269 -4.99 2.29 10.72
CA MET A 269 -6.45 2.35 10.64
C MET A 269 -6.95 3.72 11.11
N GLU A 270 -7.89 4.30 10.35
CA GLU A 270 -8.33 5.69 10.55
C GLU A 270 -9.51 5.83 11.55
N ASN A 271 -9.59 5.00 12.60
CA ASN A 271 -10.71 5.14 13.53
C ASN A 271 -10.81 6.57 14.02
N LYS A 272 -12.04 7.09 14.06
CA LYS A 272 -12.28 8.52 14.26
C LYS A 272 -11.69 9.00 15.59
N GLY A 273 -10.77 9.97 15.50
CA GLY A 273 -10.07 10.51 16.66
C GLY A 273 -9.13 9.56 17.37
N LEU A 274 -8.99 8.32 16.88
CA LEU A 274 -8.23 7.25 17.56
C LEU A 274 -7.60 6.36 16.48
N ASN A 275 -6.64 6.93 15.76
CA ASN A 275 -5.96 6.20 14.70
C ASN A 275 -5.01 5.18 15.29
N ILE A 276 -5.05 3.95 14.79
CA ILE A 276 -4.28 2.86 15.39
C ILE A 276 -3.32 2.34 14.33
N PHE A 277 -2.07 2.12 14.74
CA PHE A 277 -0.96 1.89 13.82
C PHE A 277 -0.21 0.62 14.17
N ASN A 278 0.16 -0.14 13.13
CA ASN A 278 1.32 -1.01 13.20
C ASN A 278 2.50 -0.20 13.73
N ALA A 279 3.15 -0.69 14.79
CA ALA A 279 4.29 0.03 15.32
C ALA A 279 5.32 0.32 14.25
N ASN A 280 5.46 -0.55 13.23
CA ASN A 280 6.47 -0.25 12.21
C ASN A 280 6.09 0.93 11.33
N SER A 281 4.88 1.46 11.45
CA SER A 281 4.47 2.61 10.67
C SER A 281 4.19 3.83 11.55
N LEU A 282 4.61 3.82 12.82
CA LEU A 282 4.48 4.97 13.69
C LEU A 282 5.78 5.32 14.42
N LEU A 283 6.60 4.31 14.76
CA LEU A 283 7.72 4.48 15.66
C LEU A 283 9.05 4.47 14.90
N ALA A 284 9.93 5.42 15.23
CA ALA A 284 11.27 5.40 14.66
C ALA A 284 12.22 6.18 15.56
N SER A 285 13.49 5.83 15.50
CA SER A 285 14.56 6.69 15.98
C SER A 285 15.76 6.48 15.09
N LYS A 286 16.65 7.48 15.06
CA LYS A 286 17.78 7.40 14.14
C LYS A 286 18.72 6.28 14.50
N LYS A 287 18.83 5.92 15.79
CA LYS A 287 19.72 4.83 16.18
C LYS A 287 19.10 3.47 15.90
N ASN A 288 17.77 3.38 15.87
CA ASN A 288 17.11 2.08 15.82
C ASN A 288 16.20 1.88 14.63
N SER A 289 16.26 2.73 13.59
CA SER A 289 15.40 2.55 12.43
C SER A 289 16.21 2.75 11.16
N ILE A 290 15.84 2.01 10.10
CA ILE A 290 16.40 2.30 8.79
C ILE A 290 15.70 3.53 8.19
N ASP A 291 16.36 4.15 7.21
CA ASP A 291 15.86 5.39 6.63
C ASP A 291 14.43 5.25 6.12
N PHE A 292 14.10 4.09 5.53
CA PHE A 292 12.78 3.90 4.94
CA PHE A 292 12.78 3.86 4.95
C PHE A 292 11.66 4.18 5.95
N SER A 293 11.92 3.94 7.24
CA SER A 293 10.91 4.20 8.26
C SER A 293 10.41 5.63 8.25
N TYR A 294 11.26 6.58 7.90
CA TYR A 294 10.86 7.98 8.01
C TYR A 294 9.83 8.35 6.95
N ALA A 295 10.05 7.93 5.70
CA ALA A 295 9.02 8.17 4.68
C ALA A 295 7.77 7.35 4.98
N ARG A 296 7.92 6.14 5.51
CA ARG A 296 6.76 5.30 5.82
C ARG A 296 5.86 5.95 6.86
N ILE A 297 6.45 6.42 7.96
CA ILE A 297 5.65 7.06 9.01
C ILE A 297 4.98 8.31 8.46
N LEU A 298 5.71 9.12 7.69
CA LEU A 298 5.13 10.33 7.12
C LEU A 298 3.92 9.99 6.27
N THR A 299 4.04 8.96 5.40
CA THR A 299 2.94 8.66 4.49
C THR A 299 1.78 8.00 5.22
N VAL A 300 2.06 7.15 6.22
CA VAL A 300 0.96 6.46 6.90
C VAL A 300 0.25 7.39 7.89
N VAL A 301 0.99 8.21 8.64
CA VAL A 301 0.32 9.23 9.47
C VAL A 301 -0.51 10.16 8.59
N GLY A 302 0.07 10.63 7.48
CA GLY A 302 -0.68 11.48 6.59
C GLY A 302 -1.93 10.79 6.08
N HIS A 303 -1.77 9.56 5.60
CA HIS A 303 -2.89 8.79 5.07
C HIS A 303 -4.04 8.69 6.06
N GLU A 304 -3.76 8.26 7.30
CA GLU A 304 -4.87 8.13 8.25
C GLU A 304 -5.48 9.48 8.57
N TYR A 305 -4.66 10.54 8.61
CA TYR A 305 -5.22 11.86 8.87
C TYR A 305 -6.12 12.32 7.73
N PHE A 306 -5.71 12.10 6.47
CA PHE A 306 -6.51 12.56 5.36
C PHE A 306 -7.84 11.83 5.30
N HIS A 307 -7.93 10.62 5.87
CA HIS A 307 -9.22 9.94 5.94
C HIS A 307 -10.25 10.71 6.73
N GLN A 308 -9.83 11.63 7.62
CA GLN A 308 -10.85 12.27 8.46
C GLN A 308 -11.89 12.96 7.58
N TYR A 309 -11.47 13.55 6.45
CA TYR A 309 -12.45 13.97 5.46
C TYR A 309 -12.82 12.86 4.48
N THR A 310 -11.84 12.24 3.83
CA THR A 310 -12.17 11.32 2.73
C THR A 310 -12.23 9.90 3.30
N GLY A 311 -13.37 9.61 3.94
CA GLY A 311 -13.64 8.32 4.54
C GLY A 311 -14.45 8.45 5.83
N ASN A 312 -14.11 9.41 6.68
CA ASN A 312 -14.77 9.53 7.99
C ASN A 312 -15.93 10.52 7.93
N ARG A 313 -15.65 11.77 7.56
CA ARG A 313 -16.74 12.76 7.44
C ARG A 313 -17.59 12.50 6.20
N VAL A 314 -16.97 12.16 5.07
CA VAL A 314 -17.67 11.63 3.91
C VAL A 314 -17.36 10.15 3.89
N THR A 315 -18.36 9.30 4.12
CA THR A 315 -18.16 7.87 4.31
CA THR A 315 -18.07 7.88 4.26
C THR A 315 -18.67 7.11 3.10
N LEU A 316 -18.69 5.78 3.20
CA LEU A 316 -19.08 4.92 2.11
C LEU A 316 -20.50 4.42 2.27
N ARG A 317 -21.24 4.39 1.16
CA ARG A 317 -22.57 3.79 1.18
C ARG A 317 -22.50 2.28 1.42
N ASP A 318 -21.49 1.63 0.87
CA ASP A 318 -21.34 0.18 0.87
C ASP A 318 -19.88 -0.10 0.52
N TRP A 319 -19.45 -1.36 0.74
CA TRP A 319 -18.02 -1.66 0.58
C TRP A 319 -17.57 -1.67 -0.87
N PHE A 320 -18.49 -1.77 -1.82
CA PHE A 320 -18.08 -1.68 -3.22
C PHE A 320 -17.51 -0.31 -3.53
N GLN A 321 -17.83 0.71 -2.74
CA GLN A 321 -17.25 2.04 -2.91
C GLN A 321 -15.88 2.19 -2.26
N LEU A 322 -15.21 1.11 -1.85
CA LEU A 322 -13.97 1.25 -1.07
C LEU A 322 -12.95 2.19 -1.72
N THR A 323 -12.77 2.11 -3.04
CA THR A 323 -11.75 2.95 -3.68
C THR A 323 -12.10 4.44 -3.56
N LEU A 324 -13.37 4.77 -3.36
CA LEU A 324 -13.74 6.18 -3.13
C LEU A 324 -13.03 6.76 -1.91
N LYS A 325 -12.84 5.96 -0.85
CA LYS A 325 -12.05 6.47 0.26
C LYS A 325 -10.59 6.07 0.20
N GLU A 326 -10.26 4.89 -0.34
CA GLU A 326 -8.85 4.48 -0.31
C GLU A 326 -8.06 5.08 -1.48
N GLY A 327 -8.57 4.94 -2.69
CA GLY A 327 -7.92 5.60 -3.81
C GLY A 327 -7.76 7.09 -3.60
N LEU A 328 -8.81 7.75 -3.12
CA LEU A 328 -8.73 9.20 -2.94
C LEU A 328 -7.78 9.57 -1.80
N THR A 329 -7.74 8.77 -0.73
CA THR A 329 -6.84 9.09 0.37
C THR A 329 -5.40 8.78 0.01
N VAL A 330 -5.14 7.71 -0.77
CA VAL A 330 -3.78 7.48 -1.26
C VAL A 330 -3.33 8.64 -2.14
N HIS A 331 -4.23 9.15 -2.99
CA HIS A 331 -3.90 10.31 -3.82
C HIS A 331 -3.57 11.52 -2.95
N ARG A 332 -4.39 11.77 -1.92
CA ARG A 332 -4.10 12.88 -1.01
C ARG A 332 -2.78 12.65 -0.27
N GLU A 333 -2.52 11.41 0.16
CA GLU A 333 -1.26 11.04 0.80
C GLU A 333 -0.06 11.25 -0.13
N ASN A 334 -0.23 10.95 -1.42
CA ASN A 334 0.88 11.11 -2.36
C ASN A 334 1.16 12.59 -2.66
N LEU A 335 0.12 13.41 -2.85
CA LEU A 335 0.33 14.85 -2.97
C LEU A 335 1.10 15.38 -1.77
N PHE A 336 0.71 14.96 -0.57
CA PHE A 336 1.34 15.39 0.67
C PHE A 336 2.80 14.99 0.71
N SER A 337 3.06 13.70 0.46
CA SER A 337 4.42 13.18 0.49
C SER A 337 5.31 13.87 -0.51
N GLU A 338 4.80 14.10 -1.73
CA GLU A 338 5.61 14.79 -2.73
C GLU A 338 5.97 16.20 -2.27
N GLU A 339 5.03 16.87 -1.64
CA GLU A 339 5.28 18.22 -1.16
C GLU A 339 6.24 18.22 0.03
N MET A 340 6.17 17.20 0.91
CA MET A 340 7.02 17.25 2.10
C MET A 340 8.45 16.82 1.81
N THR A 341 8.64 15.85 0.90
CA THR A 341 9.98 15.33 0.65
C THR A 341 10.76 16.19 -0.33
N LYS A 342 10.06 16.87 -1.24
CA LYS A 342 10.70 17.69 -2.28
C LYS A 342 11.76 16.90 -3.06
N THR A 343 11.51 15.62 -3.32
CA THR A 343 12.42 14.78 -4.09
CA THR A 343 12.42 14.83 -4.12
C THR A 343 11.64 14.11 -5.22
N VAL A 344 12.22 14.06 -6.42
CA VAL A 344 11.50 13.43 -7.53
C VAL A 344 11.31 11.94 -7.30
N THR A 345 12.15 11.30 -6.49
CA THR A 345 12.00 9.87 -6.31
C THR A 345 10.72 9.49 -5.57
N THR A 346 10.04 10.44 -4.91
CA THR A 346 8.79 10.11 -4.26
C THR A 346 7.73 9.67 -5.28
N ARG A 347 7.48 10.49 -6.29
CA ARG A 347 6.56 10.09 -7.34
C ARG A 347 7.07 8.86 -8.08
N LEU A 348 8.38 8.81 -8.38
CA LEU A 348 8.91 7.64 -9.07
C LEU A 348 8.69 6.36 -8.27
N SER A 349 8.82 6.44 -6.93
CA SER A 349 8.64 5.22 -6.14
C SER A 349 7.21 4.71 -6.22
N HIS A 350 6.22 5.61 -6.33
N HIS A 350 6.24 5.63 -6.31
CA HIS A 350 4.84 5.14 -6.43
CA HIS A 350 4.84 5.22 -6.44
C HIS A 350 4.54 4.55 -7.80
C HIS A 350 4.60 4.54 -7.78
N VAL A 351 5.15 5.11 -8.85
CA VAL A 351 4.99 4.51 -10.17
C VAL A 351 5.65 3.14 -10.21
N ASP A 352 6.84 3.03 -9.59
CA ASP A 352 7.57 1.77 -9.54
C ASP A 352 6.74 0.67 -8.90
N LEU A 353 6.07 0.99 -7.80
CA LEU A 353 5.19 0.03 -7.15
C LEU A 353 4.01 -0.31 -8.04
N LEU A 354 3.34 0.70 -8.60
CA LEU A 354 2.18 0.42 -9.45
C LEU A 354 2.55 -0.52 -10.59
N ARG A 355 3.60 -0.17 -11.35
CA ARG A 355 3.88 -0.92 -12.57
C ARG A 355 4.50 -2.28 -12.31
N SER A 356 4.94 -2.56 -11.09
CA SER A 356 5.36 -3.91 -10.81
C SER A 356 4.20 -4.67 -10.16
N VAL A 357 3.87 -4.30 -8.93
CA VAL A 357 2.92 -5.09 -8.15
C VAL A 357 1.51 -4.99 -8.72
N GLN A 358 1.06 -3.77 -9.02
CA GLN A 358 -0.34 -3.66 -9.42
C GLN A 358 -0.55 -4.15 -10.86
N PHE A 359 0.40 -3.87 -11.77
CA PHE A 359 0.25 -4.37 -13.13
C PHE A 359 0.24 -5.89 -13.15
N LEU A 360 1.09 -6.53 -12.32
CA LEU A 360 1.04 -7.99 -12.20
C LEU A 360 -0.34 -8.45 -11.75
N GLU A 361 -0.88 -7.84 -10.69
CA GLU A 361 -2.24 -8.19 -10.26
C GLU A 361 -3.24 -8.05 -11.40
N ASP A 362 -3.15 -6.96 -12.16
CA ASP A 362 -4.13 -6.71 -13.20
C ASP A 362 -3.99 -7.61 -14.42
N SER A 363 -2.88 -8.33 -14.58
CA SER A 363 -2.80 -9.33 -15.65
C SER A 363 -2.86 -10.75 -15.11
N SER A 364 -3.13 -10.92 -13.82
CA SER A 364 -3.28 -12.22 -13.17
C SER A 364 -4.74 -12.66 -13.19
N PRO A 365 -5.02 -13.90 -12.79
CA PRO A 365 -6.42 -14.33 -12.65
C PRO A 365 -7.19 -13.56 -11.60
N LEU A 366 -6.49 -12.79 -10.75
CA LEU A 366 -7.15 -11.99 -9.72
C LEU A 366 -7.62 -10.64 -10.24
N SER A 367 -7.32 -10.32 -11.50
CA SER A 367 -7.64 -8.99 -12.06
C SER A 367 -9.07 -8.56 -11.75
N HIS A 368 -9.21 -7.32 -11.30
CA HIS A 368 -10.52 -6.74 -11.00
C HIS A 368 -10.45 -5.24 -11.25
N PRO A 369 -11.57 -4.59 -11.49
CA PRO A 369 -11.58 -3.12 -11.58
C PRO A 369 -11.49 -2.52 -10.18
N ILE A 370 -11.26 -1.20 -10.12
CA ILE A 370 -11.10 -0.56 -8.82
C ILE A 370 -12.42 -0.53 -8.05
N ARG A 371 -13.56 -0.72 -8.74
CA ARG A 371 -14.84 -0.98 -8.09
C ARG A 371 -15.37 -2.33 -8.58
N PRO A 372 -15.07 -3.41 -7.88
CA PRO A 372 -15.52 -4.73 -8.33
C PRO A 372 -17.03 -4.86 -8.33
N GLU A 373 -17.50 -5.88 -9.05
CA GLU A 373 -18.92 -6.17 -9.15
C GLU A 373 -19.42 -7.12 -8.07
N SER A 374 -18.52 -7.83 -7.38
CA SER A 374 -18.92 -8.82 -6.39
C SER A 374 -17.78 -9.04 -5.42
N TYR A 375 -18.11 -9.63 -4.26
CA TYR A 375 -17.11 -10.12 -3.35
C TYR A 375 -17.70 -11.25 -2.52
N VAL A 376 -16.80 -12.07 -1.97
CA VAL A 376 -17.13 -13.06 -0.97
C VAL A 376 -16.44 -12.75 0.35
N SER A 377 -15.13 -12.59 0.32
CA SER A 377 -14.36 -12.21 1.50
C SER A 377 -14.13 -10.71 1.46
N MET A 378 -14.50 -10.00 2.53
CA MET A 378 -14.20 -8.58 2.52
C MET A 378 -12.73 -8.35 2.84
N GLU A 379 -12.13 -9.24 3.65
CA GLU A 379 -10.72 -9.09 3.97
C GLU A 379 -9.85 -9.20 2.71
N ASN A 380 -10.27 -10.02 1.73
CA ASN A 380 -9.55 -10.14 0.46
C ASN A 380 -9.81 -8.96 -0.48
N PHE A 381 -10.76 -8.09 -0.15
CA PHE A 381 -11.13 -6.97 -1.03
C PHE A 381 -10.10 -5.84 -1.05
N TYR A 382 -9.23 -5.77 -0.05
CA TYR A 382 -8.25 -4.70 0.10
C TYR A 382 -7.03 -5.06 -0.77
N THR A 383 -6.89 -4.37 -1.92
CA THR A 383 -5.90 -4.76 -2.92
C THR A 383 -5.13 -3.55 -3.43
N THR A 384 -3.96 -3.83 -4.01
CA THR A 384 -3.22 -2.75 -4.67
C THR A 384 -4.01 -2.17 -5.84
N THR A 385 -4.87 -2.96 -6.48
CA THR A 385 -5.72 -2.37 -7.52
C THR A 385 -6.61 -1.29 -6.91
N VAL A 386 -7.35 -1.63 -5.84
CA VAL A 386 -8.29 -0.67 -5.25
C VAL A 386 -7.56 0.55 -4.69
N TYR A 387 -6.37 0.33 -4.12
CA TYR A 387 -5.61 1.40 -3.49
C TYR A 387 -4.80 2.20 -4.51
N ASP A 388 -3.94 1.52 -5.25
CA ASP A 388 -2.93 2.25 -6.01
C ASP A 388 -3.38 2.57 -7.42
N LYS A 389 -4.03 1.62 -8.12
CA LYS A 389 -4.70 2.06 -9.34
C LYS A 389 -5.81 3.06 -9.00
N GLY A 390 -6.54 2.83 -7.90
CA GLY A 390 -7.52 3.84 -7.49
C GLY A 390 -6.90 5.21 -7.31
N SER A 391 -5.72 5.27 -6.71
CA SER A 391 -5.07 6.56 -6.52
CA SER A 391 -5.06 6.55 -6.52
C SER A 391 -4.68 7.20 -7.85
N GLU A 392 -4.24 6.41 -8.82
CA GLU A 392 -3.90 6.99 -10.12
C GLU A 392 -5.14 7.49 -10.84
N VAL A 393 -6.27 6.80 -10.65
CA VAL A 393 -7.52 7.27 -11.23
C VAL A 393 -7.97 8.55 -10.56
N MET A 394 -7.78 8.66 -9.25
CA MET A 394 -8.12 9.93 -8.64
C MET A 394 -7.14 11.03 -9.00
N ARG A 395 -5.86 10.68 -9.22
CA ARG A 395 -4.88 11.67 -9.66
C ARG A 395 -5.14 12.16 -11.09
N MET A 396 -5.69 11.32 -11.96
CA MET A 396 -5.95 11.76 -13.32
C MET A 396 -6.95 12.90 -13.36
N TYR A 397 -7.87 12.97 -12.39
CA TYR A 397 -8.78 14.11 -12.34
C TYR A 397 -7.99 15.41 -12.18
N LEU A 398 -6.96 15.39 -11.33
CA LEU A 398 -6.12 16.57 -11.14
C LEU A 398 -5.36 16.90 -12.41
N THR A 399 -4.83 15.88 -13.09
CA THR A 399 -4.15 16.15 -14.35
C THR A 399 -5.08 16.78 -15.37
N ILE A 400 -6.31 16.26 -15.48
CA ILE A 400 -7.27 16.75 -16.45
C ILE A 400 -7.71 18.17 -16.13
N LEU A 401 -8.01 18.45 -14.86
CA LEU A 401 -8.59 19.73 -14.50
C LEU A 401 -7.56 20.82 -14.26
N GLY A 402 -6.34 20.46 -13.90
CA GLY A 402 -5.42 21.44 -13.36
C GLY A 402 -5.78 21.77 -11.92
N GLU A 403 -4.80 22.35 -11.22
CA GLU A 403 -4.89 22.50 -9.77
C GLU A 403 -6.09 23.36 -9.37
N GLU A 404 -6.30 24.50 -10.05
CA GLU A 404 -7.37 25.40 -9.60
C GLU A 404 -8.74 24.75 -9.73
N TYR A 405 -9.04 24.16 -10.88
CA TYR A 405 -10.35 23.54 -11.05
C TYR A 405 -10.45 22.22 -10.31
N TYR A 406 -9.34 21.51 -10.11
CA TYR A 406 -9.40 20.31 -9.28
C TYR A 406 -9.81 20.67 -7.86
N LYS A 407 -9.17 21.70 -7.30
CA LYS A 407 -9.53 22.13 -5.95
C LYS A 407 -10.99 22.56 -5.89
N LYS A 408 -11.48 23.25 -6.94
CA LYS A 408 -12.88 23.65 -6.97
C LYS A 408 -13.80 22.42 -6.94
N GLY A 409 -13.50 21.43 -7.78
CA GLY A 409 -14.31 20.22 -7.80
C GLY A 409 -14.22 19.44 -6.50
N PHE A 410 -13.02 19.38 -5.90
CA PHE A 410 -12.88 18.64 -4.65
C PHE A 410 -13.71 19.28 -3.55
N ASP A 411 -13.74 20.61 -3.50
CA ASP A 411 -14.56 21.27 -2.49
C ASP A 411 -16.05 21.05 -2.74
N ILE A 412 -16.48 21.02 -4.00
CA ILE A 412 -17.87 20.66 -4.28
C ILE A 412 -18.18 19.29 -3.70
N TYR A 413 -17.26 18.34 -3.85
CA TYR A 413 -17.48 16.99 -3.31
C TYR A 413 -17.61 17.03 -1.80
N ILE A 414 -16.72 17.76 -1.13
CA ILE A 414 -16.73 17.78 0.33
C ILE A 414 -17.99 18.48 0.82
N LYS A 415 -18.30 19.63 0.26
CA LYS A 415 -19.43 20.41 0.78
C LYS A 415 -20.76 19.69 0.54
N LYS A 416 -20.89 19.00 -0.59
CA LYS A 416 -22.16 18.32 -0.89
C LYS A 416 -22.34 17.05 -0.06
N ASN A 417 -21.26 16.36 0.28
CA ASN A 417 -21.39 15.05 0.89
C ASN A 417 -20.94 14.98 2.35
N ASP A 418 -20.48 16.10 2.91
CA ASP A 418 -19.99 16.12 4.29
C ASP A 418 -21.08 15.64 5.24
N GLY A 419 -20.75 14.67 6.08
CA GLY A 419 -21.71 14.11 7.03
C GLY A 419 -22.55 12.95 6.52
N ASN A 420 -22.34 12.49 5.30
CA ASN A 420 -23.18 11.42 4.76
CA ASN A 420 -23.18 11.49 4.66
C ASN A 420 -22.31 10.39 4.06
N THR A 421 -22.97 9.31 3.66
CA THR A 421 -22.38 8.28 2.83
C THR A 421 -22.30 8.79 1.40
N ALA A 422 -21.42 8.16 0.61
CA ALA A 422 -21.27 8.57 -0.79
C ALA A 422 -20.88 7.37 -1.64
N THR A 423 -20.94 7.57 -2.95
CA THR A 423 -20.58 6.57 -3.95
C THR A 423 -19.55 7.17 -4.91
N CYS A 424 -18.94 6.31 -5.72
CA CYS A 424 -17.99 6.79 -6.72
C CYS A 424 -18.63 7.79 -7.66
N GLU A 425 -19.92 7.61 -7.96
CA GLU A 425 -20.62 8.55 -8.84
C GLU A 425 -20.68 9.95 -8.24
N ASP A 426 -20.80 10.06 -6.91
CA ASP A 426 -20.83 11.39 -6.30
C ASP A 426 -19.53 12.14 -6.56
N PHE A 427 -18.40 11.44 -6.47
CA PHE A 427 -17.13 12.09 -6.76
C PHE A 427 -17.01 12.45 -8.23
N ASN A 428 -17.37 11.53 -9.13
CA ASN A 428 -17.30 11.85 -10.56
C ASN A 428 -18.19 13.03 -10.89
N TYR A 429 -19.35 13.12 -10.22
CA TYR A 429 -20.25 14.24 -10.46
C TYR A 429 -19.59 15.56 -10.05
N ALA A 430 -18.91 15.58 -8.91
CA ALA A 430 -18.26 16.82 -8.47
C ALA A 430 -17.14 17.23 -9.43
N MET A 431 -16.32 16.26 -9.85
CA MET A 431 -15.31 16.51 -10.87
C MET A 431 -15.94 17.01 -12.17
N GLU A 432 -17.09 16.46 -12.54
CA GLU A 432 -17.73 16.89 -13.78
C GLU A 432 -18.17 18.34 -13.70
N GLN A 433 -18.64 18.80 -12.53
CA GLN A 433 -19.03 20.20 -12.45
C GLN A 433 -17.83 21.09 -12.71
N ALA A 434 -16.68 20.74 -12.13
CA ALA A 434 -15.45 21.46 -12.40
C ALA A 434 -15.06 21.38 -13.87
N TYR A 435 -15.25 20.20 -14.47
CA TYR A 435 -14.90 20.03 -15.87
C TYR A 435 -15.70 20.96 -16.76
N LYS A 436 -17.02 21.06 -16.49
CA LYS A 436 -17.86 21.99 -17.24
C LYS A 436 -17.34 23.42 -17.11
N MET A 437 -17.00 23.82 -15.88
CA MET A 437 -16.43 25.15 -15.66
C MET A 437 -15.15 25.35 -16.47
N LYS A 438 -14.23 24.38 -16.39
CA LYS A 438 -12.96 24.54 -17.09
CA LYS A 438 -12.96 24.54 -17.09
C LYS A 438 -13.16 24.62 -18.61
N LYS A 439 -14.05 23.79 -19.15
CA LYS A 439 -14.27 23.75 -20.60
C LYS A 439 -15.19 24.87 -21.08
N ALA A 440 -15.86 25.56 -20.16
CA ALA A 440 -16.81 26.61 -20.49
C ALA A 440 -17.92 26.10 -21.42
N ASP A 441 -18.51 24.95 -21.07
CA ASP A 441 -19.83 24.62 -21.57
C ASP A 441 -20.42 23.51 -20.73
N ASN A 442 -21.67 23.71 -20.31
CA ASN A 442 -22.40 22.74 -19.51
C ASN A 442 -22.79 21.50 -20.30
N SER A 443 -22.41 21.42 -21.58
CA SER A 443 -22.58 20.19 -22.34
C SER A 443 -21.47 19.18 -22.08
N ALA A 444 -20.32 19.62 -21.57
CA ALA A 444 -19.23 18.70 -21.30
C ALA A 444 -19.60 17.76 -20.17
N ASN A 445 -19.12 16.52 -20.26
CA ASN A 445 -19.42 15.54 -19.23
C ASN A 445 -18.25 14.58 -19.09
N LEU A 446 -18.28 13.84 -17.99
CA LEU A 446 -17.26 12.83 -17.68
C LEU A 446 -17.90 11.44 -17.60
N ASN A 447 -18.96 11.22 -18.39
CA ASN A 447 -19.58 9.90 -18.39
CA ASN A 447 -19.59 9.90 -18.40
C ASN A 447 -18.59 8.81 -18.77
N GLN A 448 -17.75 9.07 -19.77
CA GLN A 448 -16.77 8.08 -20.17
C GLN A 448 -15.77 7.81 -19.07
N TYR A 449 -15.51 8.80 -18.22
CA TYR A 449 -14.54 8.61 -17.17
C TYR A 449 -14.92 7.47 -16.23
N LEU A 450 -16.22 7.21 -16.09
CA LEU A 450 -16.68 6.17 -15.16
C LEU A 450 -16.16 4.80 -15.53
N LEU A 451 -15.75 4.61 -16.79
CA LEU A 451 -15.18 3.32 -17.17
C LEU A 451 -13.91 3.00 -16.39
N TRP A 452 -13.21 4.02 -15.89
CA TRP A 452 -12.06 3.74 -15.04
C TRP A 452 -12.45 3.00 -13.78
N PHE A 453 -13.72 3.10 -13.38
CA PHE A 453 -14.12 2.40 -12.16
C PHE A 453 -14.58 0.99 -12.41
N SER A 454 -15.09 0.72 -13.62
CA SER A 454 -15.70 -0.56 -13.94
C SER A 454 -14.85 -1.48 -14.81
N GLN A 455 -13.90 -0.95 -15.58
CA GLN A 455 -13.16 -1.77 -16.53
C GLN A 455 -11.85 -2.25 -15.90
N SER A 456 -11.63 -3.57 -15.88
CA SER A 456 -10.40 -4.12 -15.34
C SER A 456 -9.31 -4.19 -16.40
N GLY A 457 -8.07 -4.41 -15.96
CA GLY A 457 -6.95 -4.54 -16.86
C GLY A 457 -6.24 -3.22 -17.12
N THR A 458 -4.99 -3.33 -17.59
CA THR A 458 -4.13 -2.18 -17.86
C THR A 458 -4.21 -1.81 -19.32
N PRO A 459 -4.58 -0.57 -19.68
CA PRO A 459 -4.53 -0.18 -21.09
C PRO A 459 -3.10 -0.12 -21.59
N HIS A 460 -2.94 -0.45 -22.88
CA HIS A 460 -1.70 -0.24 -23.60
C HIS A 460 -1.86 0.95 -24.53
N VAL A 461 -0.94 1.91 -24.46
CA VAL A 461 -1.00 3.08 -25.32
C VAL A 461 0.27 3.10 -26.17
N SER A 462 0.09 3.18 -27.49
CA SER A 462 1.22 3.12 -28.41
C SER A 462 1.19 4.31 -29.34
N PHE A 463 2.34 4.61 -29.95
CA PHE A 463 2.53 5.86 -30.68
C PHE A 463 3.20 5.62 -32.03
N LYS A 464 2.81 6.46 -32.99
CA LYS A 464 3.56 6.66 -34.22
C LYS A 464 3.69 8.16 -34.46
N TYR A 465 4.70 8.56 -35.21
CA TYR A 465 5.03 9.98 -35.38
C TYR A 465 5.24 10.33 -36.83
N ASN A 466 5.07 11.61 -37.14
CA ASN A 466 5.36 12.11 -38.46
C ASN A 466 5.79 13.57 -38.34
N TYR A 467 6.81 13.95 -39.10
CA TYR A 467 7.28 15.32 -39.13
C TYR A 467 7.47 15.74 -40.58
N ASP A 468 6.87 16.86 -40.94
CA ASP A 468 7.08 17.47 -42.25
C ASP A 468 7.95 18.71 -42.05
N ALA A 469 9.21 18.62 -42.50
CA ALA A 469 10.15 19.70 -42.23
C ALA A 469 9.79 20.96 -42.99
N GLU A 470 9.19 20.83 -44.17
CA GLU A 470 8.82 22.00 -44.95
C GLU A 470 7.63 22.72 -44.33
N LYS A 471 6.66 21.97 -43.81
CA LYS A 471 5.47 22.54 -43.19
C LYS A 471 5.67 22.90 -41.72
N LYS A 472 6.77 22.46 -41.10
CA LYS A 472 6.96 22.63 -39.67
C LYS A 472 5.75 22.08 -38.90
N GLN A 473 5.30 20.90 -39.33
CA GLN A 473 4.11 20.26 -38.78
C GLN A 473 4.47 18.88 -38.22
N TYR A 474 4.11 18.66 -36.96
CA TYR A 474 4.42 17.43 -36.24
C TYR A 474 3.14 16.73 -35.82
N SER A 475 3.12 15.40 -35.96
CA SER A 475 1.94 14.61 -35.64
C SER A 475 2.30 13.47 -34.69
N ILE A 476 1.48 13.29 -33.67
CA ILE A 476 1.55 12.16 -32.76
C ILE A 476 0.29 11.33 -32.97
N HIS A 477 0.44 10.13 -33.53
CA HIS A 477 -0.67 9.19 -33.69
CA HIS A 477 -0.69 9.21 -33.66
C HIS A 477 -0.69 8.26 -32.47
N VAL A 478 -1.82 8.22 -31.76
CA VAL A 478 -1.94 7.48 -30.50
CA VAL A 478 -1.91 7.46 -30.52
C VAL A 478 -3.03 6.43 -30.63
N ASN A 479 -2.77 5.23 -30.10
CA ASN A 479 -3.78 4.18 -30.08
C ASN A 479 -3.84 3.62 -28.66
N GLN A 480 -5.04 3.24 -28.20
CA GLN A 480 -5.18 2.54 -26.93
C GLN A 480 -5.89 1.20 -27.12
N TYR A 481 -5.55 0.27 -26.23
CA TYR A 481 -6.06 -1.09 -26.31
C TYR A 481 -6.00 -1.69 -24.91
N THR A 482 -7.08 -2.33 -24.47
CA THR A 482 -7.06 -3.14 -23.26
C THR A 482 -7.37 -4.58 -23.63
N LYS A 483 -6.55 -5.51 -23.15
CA LYS A 483 -6.74 -6.93 -23.48
CA LYS A 483 -6.73 -6.93 -23.47
C LYS A 483 -8.02 -7.44 -22.84
N PRO A 484 -8.87 -8.16 -23.57
CA PRO A 484 -10.06 -8.76 -22.94
C PRO A 484 -9.65 -9.67 -21.79
N ASP A 485 -10.53 -9.81 -20.81
CA ASP A 485 -10.23 -10.68 -19.67
C ASP A 485 -11.53 -11.29 -19.17
N GLU A 486 -11.51 -11.84 -17.95
CA GLU A 486 -12.73 -12.52 -17.49
C GLU A 486 -13.82 -11.54 -17.09
N ASN A 487 -13.53 -10.26 -16.93
CA ASN A 487 -14.51 -9.27 -16.49
C ASN A 487 -15.20 -8.56 -17.64
N GLN A 488 -14.51 -8.34 -18.77
CA GLN A 488 -15.12 -7.76 -19.96
C GLN A 488 -14.57 -8.46 -21.19
N LYS A 489 -15.47 -9.05 -21.99
CA LYS A 489 -15.06 -9.64 -23.26
C LYS A 489 -14.68 -8.57 -24.27
N GLU A 490 -15.36 -7.43 -24.23
CA GLU A 490 -15.06 -6.31 -25.11
C GLU A 490 -14.70 -5.12 -24.23
N LYS A 491 -13.53 -4.54 -24.47
CA LYS A 491 -13.06 -3.42 -23.66
C LYS A 491 -13.32 -2.11 -24.38
N LYS A 492 -13.77 -1.11 -23.65
CA LYS A 492 -14.09 0.15 -24.31
C LYS A 492 -12.92 1.12 -24.20
N PRO A 493 -12.81 2.09 -25.12
CA PRO A 493 -11.76 3.11 -24.96
C PRO A 493 -12.03 3.95 -23.72
N LEU A 494 -10.95 4.31 -23.02
CA LEU A 494 -11.04 5.13 -21.82
C LEU A 494 -10.69 6.58 -22.14
N PHE A 495 -11.01 7.46 -21.19
CA PHE A 495 -10.56 8.85 -21.18
C PHE A 495 -9.14 8.86 -20.64
N ILE A 496 -8.15 8.97 -21.51
CA ILE A 496 -6.74 8.87 -21.12
C ILE A 496 -6.08 10.24 -21.29
N PRO A 497 -5.69 10.92 -20.20
CA PRO A 497 -4.96 12.19 -20.34
C PRO A 497 -3.45 11.95 -20.52
N ILE A 498 -2.87 12.52 -21.57
CA ILE A 498 -1.46 12.26 -21.91
C ILE A 498 -0.72 13.59 -21.78
N SER A 499 -0.05 13.79 -20.64
CA SER A 499 0.76 15.00 -20.49
CA SER A 499 0.79 14.98 -20.45
C SER A 499 2.00 14.88 -21.36
N VAL A 500 2.23 15.89 -22.21
CA VAL A 500 3.26 15.79 -23.24
CA VAL A 500 3.25 15.80 -23.25
C VAL A 500 4.12 17.06 -23.27
N GLY A 501 5.40 16.85 -23.59
CA GLY A 501 6.27 17.91 -24.04
C GLY A 501 6.92 17.49 -25.34
N LEU A 502 7.53 18.47 -26.01
CA LEU A 502 8.31 18.22 -27.22
C LEU A 502 9.69 18.79 -26.99
N ILE A 503 10.71 17.95 -27.01
CA ILE A 503 12.10 18.36 -26.75
C ILE A 503 12.82 18.61 -28.07
N ASN A 504 13.45 19.78 -28.18
CA ASN A 504 14.33 20.08 -29.30
C ASN A 504 15.62 19.29 -29.13
N PRO A 505 15.92 18.34 -30.02
CA PRO A 505 17.12 17.50 -29.80
C PRO A 505 18.42 18.26 -29.95
N GLU A 506 18.42 19.47 -30.51
CA GLU A 506 19.69 20.18 -30.68
C GLU A 506 20.10 20.94 -29.43
N ASN A 507 19.14 21.44 -28.63
CA ASN A 507 19.49 22.20 -27.44
C ASN A 507 18.78 21.74 -26.18
N GLY A 508 17.93 20.72 -26.28
CA GLY A 508 17.25 20.18 -25.12
C GLY A 508 16.12 21.02 -24.57
N LYS A 509 15.65 22.01 -25.30
CA LYS A 509 14.67 22.94 -24.75
C LYS A 509 13.23 22.49 -25.09
N GLU A 510 12.29 22.98 -24.29
CA GLU A 510 10.87 22.77 -24.53
C GLU A 510 10.42 23.50 -25.79
N MET A 511 9.68 22.80 -26.65
CA MET A 511 9.20 23.47 -27.85
C MET A 511 7.74 23.89 -27.81
N ILE A 512 6.95 23.39 -26.85
CA ILE A 512 5.58 23.83 -26.65
C ILE A 512 5.34 24.05 -25.16
N SER A 513 4.26 24.78 -24.87
CA SER A 513 3.82 24.96 -23.50
C SER A 513 3.23 23.66 -22.97
N GLN A 514 2.97 23.65 -21.66
CA GLN A 514 2.36 22.48 -21.01
C GLN A 514 1.09 22.07 -21.75
N THR A 515 1.00 20.78 -22.05
CA THR A 515 -0.09 20.28 -22.89
C THR A 515 -0.50 18.92 -22.40
N THR A 516 -1.81 18.72 -22.22
CA THR A 516 -2.38 17.43 -21.85
C THR A 516 -3.33 17.01 -22.96
N LEU A 517 -2.91 16.05 -23.77
CA LEU A 517 -3.79 15.49 -24.77
C LEU A 517 -4.89 14.66 -24.12
N GLU A 518 -6.12 14.84 -24.61
CA GLU A 518 -7.25 14.10 -24.07
C GLU A 518 -7.63 13.02 -25.10
N LEU A 519 -7.09 11.81 -24.92
CA LEU A 519 -7.41 10.69 -25.80
C LEU A 519 -8.69 10.03 -25.30
N THR A 520 -9.76 10.11 -26.09
CA THR A 520 -11.04 9.54 -25.71
C THR A 520 -11.52 8.49 -26.69
N LYS A 521 -10.78 8.23 -27.76
CA LYS A 521 -11.18 7.27 -28.77
C LYS A 521 -10.17 6.13 -28.79
N GLU A 522 -10.49 5.08 -29.56
CA GLU A 522 -9.53 4.00 -29.73
C GLU A 522 -8.22 4.53 -30.31
N SER A 523 -8.29 5.55 -31.16
CA SER A 523 -7.09 6.15 -31.72
C SER A 523 -7.38 7.60 -32.07
N ASP A 524 -6.33 8.41 -32.10
CA ASP A 524 -6.46 9.81 -32.50
C ASP A 524 -5.12 10.28 -33.00
N THR A 525 -5.13 11.31 -33.84
CA THR A 525 -3.91 11.95 -34.32
C THR A 525 -3.90 13.39 -33.81
N PHE A 526 -2.84 13.74 -33.07
CA PHE A 526 -2.67 15.09 -32.52
C PHE A 526 -1.59 15.82 -33.31
N VAL A 527 -1.95 16.93 -33.93
CA VAL A 527 -1.07 17.66 -34.86
C VAL A 527 -0.64 18.97 -34.22
N PHE A 528 0.62 19.32 -34.41
CA PHE A 528 1.19 20.56 -33.89
C PHE A 528 1.82 21.33 -35.03
N ASN A 529 1.46 22.60 -35.16
CA ASN A 529 2.04 23.46 -36.18
C ASN A 529 3.19 24.27 -35.61
N ASN A 530 3.95 24.88 -36.51
CA ASN A 530 5.06 25.75 -36.14
C ASN A 530 6.04 25.04 -35.22
N ILE A 531 6.38 23.80 -35.60
CA ILE A 531 7.39 22.99 -34.95
C ILE A 531 8.64 23.08 -35.82
N ALA A 532 9.65 23.80 -35.35
CA ALA A 532 10.71 24.29 -36.23
C ALA A 532 11.68 23.19 -36.66
N VAL A 533 11.80 22.13 -35.85
CA VAL A 533 12.68 21.00 -36.13
C VAL A 533 11.96 19.76 -35.60
N LYS A 534 12.41 18.60 -36.06
CA LYS A 534 11.80 17.35 -35.58
C LYS A 534 12.07 17.17 -34.10
N PRO A 535 11.04 17.09 -33.26
CA PRO A 535 11.24 16.96 -31.82
C PRO A 535 11.45 15.51 -31.42
N ILE A 536 11.88 15.33 -30.18
CA ILE A 536 11.71 14.06 -29.48
C ILE A 536 10.55 14.24 -28.51
N PRO A 537 9.50 13.43 -28.60
CA PRO A 537 8.35 13.60 -27.71
C PRO A 537 8.62 13.07 -26.30
N SER A 538 8.14 13.82 -25.32
CA SER A 538 8.23 13.49 -23.90
C SER A 538 6.80 13.12 -23.49
N LEU A 539 6.52 11.82 -23.40
CA LEU A 539 5.15 11.31 -23.32
C LEU A 539 4.79 10.81 -21.92
N PHE A 540 3.56 11.14 -21.50
CA PHE A 540 3.02 10.74 -20.19
C PHE A 540 3.87 11.31 -19.05
N ARG A 541 4.21 12.59 -19.16
CA ARG A 541 4.96 13.25 -18.12
C ARG A 541 4.28 13.07 -16.77
N GLY A 542 5.09 12.82 -15.75
CA GLY A 542 4.57 12.52 -14.43
C GLY A 542 3.87 11.19 -14.31
N PHE A 543 3.95 10.35 -15.32
CA PHE A 543 3.15 9.13 -15.48
C PHE A 543 1.66 9.46 -15.39
N SER A 544 1.16 10.11 -16.46
CA SER A 544 -0.13 10.78 -16.36
C SER A 544 -1.32 9.86 -16.52
N ALA A 545 -1.13 8.58 -16.83
CA ALA A 545 -2.23 7.62 -16.80
C ALA A 545 -1.67 6.24 -16.47
N PRO A 546 -2.44 5.38 -15.80
CA PRO A 546 -1.89 4.09 -15.37
C PRO A 546 -1.98 3.08 -16.51
N VAL A 547 -1.00 3.16 -17.41
CA VAL A 547 -1.03 2.39 -18.66
C VAL A 547 0.36 1.83 -18.96
N TYR A 548 0.39 0.84 -19.85
CA TYR A 548 1.62 0.41 -20.51
C TYR A 548 1.95 1.40 -21.62
N ILE A 549 3.10 2.06 -21.51
CA ILE A 549 3.52 3.04 -22.50
C ILE A 549 4.43 2.35 -23.52
N GLU A 550 4.09 2.43 -24.79
CA GLU A 550 4.94 1.92 -25.87
C GLU A 550 5.35 3.15 -26.69
N ASP A 551 6.53 3.71 -26.39
CA ASP A 551 6.87 5.04 -26.93
C ASP A 551 7.40 4.97 -28.36
N GLN A 552 7.79 3.79 -28.84
CA GLN A 552 8.27 3.60 -30.21
C GLN A 552 9.45 4.51 -30.55
N LEU A 553 10.24 4.86 -29.54
CA LEU A 553 11.43 5.66 -29.72
C LEU A 553 12.64 4.76 -29.89
N THR A 554 13.64 5.29 -30.59
CA THR A 554 14.92 4.59 -30.64
C THR A 554 15.66 4.76 -29.32
N ASP A 555 16.65 3.91 -29.10
CA ASP A 555 17.46 4.07 -27.90
C ASP A 555 18.23 5.38 -27.94
N GLU A 556 18.65 5.83 -29.12
CA GLU A 556 19.27 7.14 -29.24
CA GLU A 556 19.28 7.14 -29.25
C GLU A 556 18.34 8.25 -28.78
N GLU A 557 17.07 8.20 -29.17
CA GLU A 557 16.09 9.19 -28.70
C GLU A 557 15.89 9.08 -27.20
N ARG A 558 15.80 7.86 -26.68
CA ARG A 558 15.59 7.67 -25.25
C ARG A 558 16.77 8.20 -24.45
N ILE A 559 17.99 7.99 -24.95
CA ILE A 559 19.17 8.54 -24.28
C ILE A 559 19.08 10.06 -24.21
N LEU A 560 18.65 10.69 -25.30
CA LEU A 560 18.56 12.16 -25.30
C LEU A 560 17.55 12.64 -24.25
N LEU A 561 16.42 11.95 -24.12
CA LEU A 561 15.46 12.31 -23.06
C LEU A 561 16.06 12.06 -21.69
N LEU A 562 16.71 10.92 -21.51
CA LEU A 562 17.30 10.60 -20.21
C LEU A 562 18.26 11.69 -19.79
N LYS A 563 19.04 12.22 -20.73
CA LYS A 563 20.00 13.25 -20.36
C LYS A 563 19.36 14.63 -20.22
N TYR A 564 18.42 14.98 -21.10
CA TYR A 564 18.04 16.38 -21.31
C TYR A 564 16.58 16.73 -21.10
N ASP A 565 15.68 15.75 -20.93
CA ASP A 565 14.28 16.07 -20.70
C ASP A 565 14.11 16.73 -19.33
N SER A 566 13.02 17.47 -19.19
CA SER A 566 12.71 18.17 -17.96
C SER A 566 11.91 17.34 -16.97
N ASP A 567 11.28 16.25 -17.41
CA ASP A 567 10.34 15.50 -16.58
C ASP A 567 11.03 14.25 -16.01
N ALA A 568 11.05 14.15 -14.67
CA ALA A 568 11.75 13.05 -14.02
C ALA A 568 11.19 11.70 -14.44
N PHE A 569 9.86 11.56 -14.49
CA PHE A 569 9.32 10.27 -14.89
C PHE A 569 9.75 9.90 -16.31
N VAL A 570 9.62 10.83 -17.28
CA VAL A 570 9.95 10.44 -18.66
C VAL A 570 11.43 10.07 -18.75
N ARG A 571 12.30 10.78 -18.04
CA ARG A 571 13.71 10.39 -18.04
C ARG A 571 13.87 8.97 -17.49
N TYR A 572 13.29 8.72 -16.32
CA TYR A 572 13.34 7.41 -15.70
CA TYR A 572 13.36 7.40 -15.70
C TYR A 572 12.71 6.35 -16.60
N ASN A 573 11.60 6.68 -17.24
CA ASN A 573 10.93 5.70 -18.09
C ASN A 573 11.74 5.42 -19.35
N SER A 574 12.39 6.44 -19.89
CA SER A 574 13.23 6.23 -21.06
C SER A 574 14.36 5.26 -20.72
N CYS A 575 14.99 5.46 -19.56
CA CYS A 575 16.00 4.52 -19.05
C CYS A 575 15.40 3.13 -18.88
N THR A 576 14.21 3.04 -18.25
CA THR A 576 13.53 1.76 -18.08
C THR A 576 13.34 1.04 -19.42
N ASN A 577 12.89 1.80 -20.43
CA ASN A 577 12.62 1.22 -21.75
C ASN A 577 13.90 0.73 -22.43
N ILE A 578 15.01 1.46 -22.27
CA ILE A 578 16.31 0.99 -22.79
C ILE A 578 16.68 -0.33 -22.15
N TYR A 579 16.59 -0.38 -20.82
CA TYR A 579 16.86 -1.64 -20.11
C TYR A 579 15.96 -2.75 -20.61
N MET A 580 14.65 -2.49 -20.77
CA MET A 580 13.76 -3.59 -21.13
C MET A 580 14.07 -4.14 -22.51
N LYS A 581 14.41 -3.27 -23.46
CA LYS A 581 14.81 -3.76 -24.78
CA LYS A 581 14.82 -3.75 -24.78
C LYS A 581 16.03 -4.67 -24.66
N GLN A 582 16.99 -4.30 -23.83
CA GLN A 582 18.18 -5.11 -23.64
C GLN A 582 17.84 -6.43 -22.94
N ILE A 583 16.99 -6.37 -21.91
CA ILE A 583 16.61 -7.56 -21.15
C ILE A 583 15.91 -8.57 -22.05
N LEU A 584 14.94 -8.09 -22.84
CA LEU A 584 14.20 -9.01 -23.71
C LEU A 584 15.12 -9.65 -24.74
N MET A 585 16.05 -8.87 -25.30
CA MET A 585 16.98 -9.43 -26.30
CA MET A 585 16.99 -9.41 -26.29
C MET A 585 17.88 -10.49 -25.68
N ASN A 586 18.54 -10.16 -24.56
CA ASN A 586 19.48 -11.11 -23.96
C ASN A 586 18.73 -12.31 -23.37
N TYR A 587 17.55 -12.07 -22.79
CA TYR A 587 16.74 -13.19 -22.32
C TYR A 587 16.50 -14.19 -23.46
N ASN A 588 16.12 -13.70 -24.64
CA ASN A 588 15.83 -14.66 -25.70
CA ASN A 588 15.84 -14.65 -25.70
C ASN A 588 17.10 -15.35 -26.20
N GLU A 589 18.24 -14.66 -26.17
CA GLU A 589 19.49 -15.27 -26.60
C GLU A 589 19.91 -16.37 -25.62
N PHE A 590 19.83 -16.10 -24.31
CA PHE A 590 20.09 -17.12 -23.29
C PHE A 590 19.09 -18.27 -23.38
N LEU A 591 17.81 -17.96 -23.59
CA LEU A 591 16.79 -18.99 -23.68
C LEU A 591 17.07 -19.95 -24.84
N LYS A 592 17.39 -19.40 -26.01
CA LYS A 592 17.69 -20.22 -27.17
C LYS A 592 18.90 -21.11 -26.91
N ALA A 593 19.94 -20.57 -26.27
CA ALA A 593 21.13 -21.37 -25.99
C ALA A 593 20.79 -22.53 -25.06
N LYS A 594 19.93 -22.28 -24.07
CA LYS A 594 19.46 -23.33 -23.18
C LYS A 594 18.65 -24.37 -23.92
N ASN A 595 17.67 -23.92 -24.69
CA ASN A 595 16.76 -24.82 -25.41
C ASN A 595 17.51 -25.64 -26.45
N GLU A 596 18.43 -25.01 -27.16
CA GLU A 596 19.12 -25.67 -28.25
C GLU A 596 20.38 -26.39 -27.77
N LYS A 597 20.69 -26.28 -26.47
CA LYS A 597 21.86 -26.91 -25.87
C LYS A 597 23.13 -26.52 -26.60
N LEU A 598 23.28 -25.22 -26.81
CA LEU A 598 24.37 -24.71 -27.63
C LEU A 598 25.70 -24.78 -26.88
N GLU A 599 26.74 -25.20 -27.59
CA GLU A 599 28.09 -25.20 -27.04
C GLU A 599 28.73 -23.83 -27.07
N SER A 600 28.28 -22.97 -27.98
CA SER A 600 28.73 -21.59 -28.03
C SER A 600 27.61 -20.74 -28.62
N PHE A 601 27.61 -19.45 -28.27
CA PHE A 601 26.58 -18.53 -28.76
C PHE A 601 27.04 -17.12 -28.46
N GLN A 602 26.30 -16.16 -28.98
CA GLN A 602 26.63 -14.75 -28.78
C GLN A 602 25.54 -14.03 -28.01
N LEU A 603 25.96 -13.06 -27.20
CA LEU A 603 25.06 -12.16 -26.49
C LEU A 603 25.24 -10.76 -27.06
N THR A 604 24.14 -10.05 -27.25
CA THR A 604 24.21 -8.65 -27.69
C THR A 604 24.64 -7.74 -26.54
N PRO A 605 25.73 -7.00 -26.68
CA PRO A 605 26.21 -6.17 -25.56
C PRO A 605 25.26 -5.01 -25.27
N VAL A 606 25.43 -4.46 -24.06
CA VAL A 606 24.70 -3.27 -23.67
C VAL A 606 25.14 -2.10 -24.55
N ASN A 607 24.19 -1.26 -24.94
CA ASN A 607 24.46 -0.09 -25.76
C ASN A 607 25.52 0.80 -25.08
N ALA A 608 26.64 1.04 -25.77
CA ALA A 608 27.73 1.82 -25.18
C ALA A 608 27.33 3.26 -24.93
N GLN A 609 26.49 3.85 -25.79
CA GLN A 609 26.09 5.24 -25.58
C GLN A 609 25.15 5.35 -24.40
N PHE A 610 24.38 4.30 -24.12
CA PHE A 610 23.59 4.24 -22.89
C PHE A 610 24.49 4.23 -21.67
N ILE A 611 25.53 3.38 -21.68
CA ILE A 611 26.47 3.35 -20.57
C ILE A 611 27.14 4.71 -20.41
N ASP A 612 27.50 5.35 -21.53
CA ASP A 612 28.09 6.69 -21.46
C ASP A 612 27.12 7.68 -20.80
N ALA A 613 25.83 7.54 -21.10
CA ALA A 613 24.85 8.46 -20.52
C ALA A 613 24.69 8.24 -19.02
N ILE A 614 24.67 6.97 -18.60
CA ILE A 614 24.66 6.71 -17.16
C ILE A 614 25.86 7.38 -16.49
N LYS A 615 27.04 7.28 -17.11
CA LYS A 615 28.24 7.88 -16.54
C LYS A 615 28.11 9.40 -16.47
N TYR A 616 27.64 10.00 -17.57
CA TYR A 616 27.40 11.44 -17.63
C TYR A 616 26.54 11.91 -16.46
N LEU A 617 25.41 11.21 -16.22
CA LEU A 617 24.52 11.63 -15.15
C LEU A 617 25.14 11.38 -13.78
N LEU A 618 25.78 10.22 -13.58
CA LEU A 618 26.40 9.94 -12.30
C LEU A 618 27.44 11.01 -11.95
N GLU A 619 28.18 11.48 -12.95
CA GLU A 619 29.26 12.43 -12.70
C GLU A 619 28.77 13.86 -12.61
N ASP A 620 27.48 14.10 -12.81
CA ASP A 620 26.93 15.45 -12.74
C ASP A 620 26.69 15.81 -11.28
N PRO A 621 27.47 16.74 -10.70
CA PRO A 621 27.30 17.04 -9.28
C PRO A 621 25.99 17.73 -8.96
N HIS A 622 25.27 18.20 -9.98
CA HIS A 622 23.99 18.86 -9.78
C HIS A 622 22.82 17.91 -9.98
N ALA A 623 23.08 16.67 -10.38
CA ALA A 623 22.00 15.72 -10.55
C ALA A 623 21.64 15.10 -9.21
N ASP A 624 20.43 14.56 -9.15
CA ASP A 624 19.85 14.13 -7.89
C ASP A 624 20.30 12.72 -7.52
N ALA A 625 20.76 12.55 -6.28
CA ALA A 625 21.30 11.25 -5.86
C ALA A 625 20.24 10.15 -5.93
N GLY A 626 19.00 10.46 -5.54
CA GLY A 626 17.95 9.45 -5.62
C GLY A 626 17.69 9.00 -7.04
N PHE A 627 17.60 9.95 -7.97
CA PHE A 627 17.43 9.62 -9.37
C PHE A 627 18.59 8.76 -9.88
N LYS A 628 19.81 9.12 -9.50
CA LYS A 628 20.98 8.32 -9.86
C LYS A 628 20.82 6.87 -9.40
N SER A 629 20.29 6.66 -8.21
CA SER A 629 20.14 5.29 -7.74
CA SER A 629 20.14 5.29 -7.74
C SER A 629 19.16 4.51 -8.60
N TYR A 630 18.18 5.18 -9.20
CA TYR A 630 17.23 4.49 -10.07
C TYR A 630 17.88 4.09 -11.39
N ILE A 631 18.75 4.95 -11.94
CA ILE A 631 19.25 4.68 -13.28
C ILE A 631 20.27 3.54 -13.29
N VAL A 632 20.92 3.25 -12.16
CA VAL A 632 21.88 2.14 -12.12
C VAL A 632 21.23 0.83 -11.70
N SER A 633 19.92 0.83 -11.45
CA SER A 633 19.19 -0.38 -11.06
C SER A 633 18.34 -0.86 -12.23
N LEU A 634 18.41 -2.15 -12.51
CA LEU A 634 17.52 -2.70 -13.53
C LEU A 634 16.08 -2.67 -13.05
N PRO A 635 15.13 -2.67 -13.98
CA PRO A 635 13.72 -2.77 -13.60
C PRO A 635 13.46 -3.98 -12.72
N GLN A 636 12.51 -3.82 -11.79
CA GLN A 636 12.08 -4.90 -10.91
C GLN A 636 11.68 -6.15 -11.69
N ASP A 637 11.96 -7.31 -11.09
CA ASP A 637 11.53 -8.56 -11.69
C ASP A 637 10.04 -8.59 -11.95
N ARG A 638 9.23 -8.06 -11.02
CA ARG A 638 7.79 -8.10 -11.25
C ARG A 638 7.31 -7.11 -12.29
N TYR A 639 8.15 -6.14 -12.67
CA TYR A 639 7.85 -5.33 -13.85
C TYR A 639 8.21 -6.09 -15.11
N ILE A 640 9.39 -6.70 -15.12
CA ILE A 640 9.88 -7.45 -16.28
C ILE A 640 8.89 -8.55 -16.67
N ILE A 641 8.32 -9.24 -15.67
CA ILE A 641 7.52 -10.43 -15.98
C ILE A 641 6.27 -10.08 -16.78
N ASN A 642 5.82 -8.83 -16.73
CA ASN A 642 4.64 -8.53 -17.54
C ASN A 642 4.95 -8.55 -19.03
N PHE A 643 6.22 -8.70 -19.41
CA PHE A 643 6.59 -8.61 -20.81
C PHE A 643 7.12 -9.91 -21.38
N VAL A 644 7.11 -11.00 -20.62
CA VAL A 644 7.66 -12.27 -21.06
C VAL A 644 6.64 -13.36 -20.77
N SER A 645 6.34 -14.19 -21.78
CA SER A 645 5.54 -15.39 -21.56
C SER A 645 6.42 -16.54 -21.11
N ASN A 646 5.87 -17.39 -20.25
CA ASN A 646 6.56 -18.62 -19.83
C ASN A 646 7.95 -18.30 -19.31
N LEU A 647 8.01 -17.29 -18.45
CA LEU A 647 9.29 -16.76 -18.00
C LEU A 647 10.07 -17.80 -17.22
N ASP A 648 11.26 -18.15 -17.73
CA ASP A 648 12.21 -19.00 -17.04
C ASP A 648 13.01 -18.11 -16.09
N THR A 649 12.84 -18.33 -14.78
CA THR A 649 13.45 -17.42 -13.80
C THR A 649 14.96 -17.55 -13.77
N ASP A 650 15.51 -18.73 -14.09
CA ASP A 650 16.96 -18.90 -14.16
CA ASP A 650 16.95 -18.82 -14.11
C ASP A 650 17.53 -18.11 -15.33
N VAL A 651 16.85 -18.18 -16.47
CA VAL A 651 17.28 -17.45 -17.64
C VAL A 651 17.22 -15.96 -17.38
N LEU A 652 16.17 -15.50 -16.69
CA LEU A 652 16.11 -14.07 -16.35
C LEU A 652 17.23 -13.69 -15.39
N ALA A 653 17.53 -14.56 -14.40
CA ALA A 653 18.63 -14.25 -13.50
C ALA A 653 19.95 -14.16 -14.27
N ASP A 654 20.15 -15.05 -15.25
CA ASP A 654 21.37 -14.98 -16.06
C ASP A 654 21.38 -13.71 -16.90
N THR A 655 20.21 -13.28 -17.37
CA THR A 655 20.14 -12.08 -18.19
C THR A 655 20.52 -10.85 -17.37
N LYS A 656 19.96 -10.73 -16.18
CA LYS A 656 20.27 -9.61 -15.32
C LYS A 656 21.74 -9.59 -14.96
N GLU A 657 22.29 -10.75 -14.61
CA GLU A 657 23.70 -10.84 -14.25
C GLU A 657 24.60 -10.36 -15.38
N TYR A 658 24.29 -10.77 -16.62
CA TYR A 658 25.10 -10.32 -17.76
C TYR A 658 25.04 -8.80 -17.91
N ILE A 659 23.84 -8.22 -17.82
CA ILE A 659 23.68 -6.78 -18.05
C ILE A 659 24.38 -5.99 -16.95
N TYR A 660 24.20 -6.39 -15.69
CA TYR A 660 24.90 -5.69 -14.61
C TYR A 660 26.42 -5.81 -14.78
N LYS A 661 26.92 -6.98 -15.20
CA LYS A 661 28.35 -7.13 -15.37
CA LYS A 661 28.36 -7.13 -15.38
C LYS A 661 28.87 -6.28 -16.54
N GLN A 662 28.11 -6.21 -17.64
CA GLN A 662 28.47 -5.37 -18.78
C GLN A 662 28.64 -3.92 -18.34
N ILE A 663 27.69 -3.40 -17.58
CA ILE A 663 27.75 -2.00 -17.16
C ILE A 663 28.84 -1.81 -16.13
N GLY A 664 28.93 -2.72 -15.15
CA GLY A 664 29.96 -2.60 -14.14
C GLY A 664 31.37 -2.69 -14.69
N ASP A 665 31.60 -3.57 -15.68
CA ASP A 665 32.91 -3.63 -16.32
C ASP A 665 33.35 -2.27 -16.83
N LYS A 666 32.40 -1.40 -17.17
CA LYS A 666 32.76 -0.06 -17.63
C LYS A 666 32.74 0.97 -16.51
N LEU A 667 31.81 0.87 -15.56
CA LEU A 667 31.58 1.98 -14.65
C LEU A 667 32.03 1.74 -13.20
N ASN A 668 32.61 0.58 -12.88
CA ASN A 668 32.87 0.29 -11.46
C ASN A 668 33.80 1.32 -10.83
N ASP A 669 34.79 1.82 -11.58
CA ASP A 669 35.67 2.83 -11.01
C ASP A 669 34.89 4.13 -10.71
N VAL A 670 33.93 4.48 -11.58
CA VAL A 670 33.06 5.62 -11.31
C VAL A 670 32.24 5.36 -10.05
N TYR A 671 31.67 4.16 -9.94
CA TYR A 671 30.88 3.78 -8.78
C TYR A 671 31.68 3.92 -7.49
N TYR A 672 32.93 3.43 -7.51
CA TYR A 672 33.75 3.46 -6.30
C TYR A 672 34.10 4.89 -5.92
N LYS A 673 34.52 5.69 -6.89
CA LYS A 673 34.84 7.09 -6.63
C LYS A 673 33.66 7.82 -6.00
N MET A 674 32.45 7.54 -6.50
CA MET A 674 31.24 8.17 -5.98
C MET A 674 30.91 7.66 -4.59
N PHE A 675 31.01 6.34 -4.39
CA PHE A 675 30.82 5.78 -3.05
C PHE A 675 31.69 6.50 -2.04
N LYS A 676 32.94 6.82 -2.40
CA LYS A 676 33.81 7.50 -1.45
C LYS A 676 33.48 8.98 -1.34
N SER A 677 33.18 9.65 -2.46
CA SER A 677 33.00 11.10 -2.40
C SER A 677 31.69 11.46 -1.71
N LEU A 678 30.71 10.57 -1.75
CA LEU A 678 29.41 10.82 -1.13
C LEU A 678 29.40 10.64 0.38
N GLU A 679 30.47 10.06 0.94
CA GLU A 679 30.44 9.65 2.34
CA GLU A 679 30.44 9.65 2.34
C GLU A 679 30.15 10.82 3.26
N ALA A 680 30.89 11.93 3.10
CA ALA A 680 30.80 13.04 4.04
C ALA A 680 29.38 13.58 4.17
N LYS A 681 28.72 13.86 3.05
CA LYS A 681 27.36 14.38 3.12
C LYS A 681 26.36 13.30 3.49
N ALA A 682 26.53 12.09 2.95
CA ALA A 682 25.54 11.05 3.16
C ALA A 682 25.46 10.65 4.63
N ASP A 683 26.59 10.59 5.31
CA ASP A 683 26.63 10.02 6.66
C ASP A 683 26.81 11.09 7.72
N ASP A 684 26.64 12.36 7.34
CA ASP A 684 26.73 13.48 8.29
C ASP A 684 25.91 13.19 9.55
N LEU A 685 26.55 13.34 10.70
CA LEU A 685 25.95 13.02 11.99
C LEU A 685 25.44 14.26 12.74
N THR A 686 25.50 15.45 12.11
CA THR A 686 25.18 16.68 12.81
C THR A 686 23.85 16.59 13.55
N TYR A 687 22.83 16.01 12.90
CA TYR A 687 21.48 15.96 13.42
C TYR A 687 21.06 14.56 13.85
N PHE A 688 22.03 13.68 14.12
CA PHE A 688 21.71 12.30 14.47
C PHE A 688 20.87 12.22 15.75
N ASN A 689 21.05 13.16 16.67
CA ASN A 689 20.28 13.16 17.91
C ASN A 689 19.13 14.16 17.93
N ASP A 690 18.75 14.68 16.78
CA ASP A 690 17.55 15.49 16.63
C ASP A 690 16.52 14.65 15.86
N GLU A 691 15.51 14.15 16.57
CA GLU A 691 14.49 13.34 15.91
C GLU A 691 13.53 14.15 15.05
N SER A 692 13.54 15.46 15.17
CA SER A 692 12.64 16.26 14.37
C SER A 692 13.24 16.62 13.02
N HIS A 693 14.54 16.36 12.82
CA HIS A 693 15.26 16.84 11.65
C HIS A 693 15.43 15.68 10.67
N VAL A 694 14.66 15.70 9.59
CA VAL A 694 14.70 14.62 8.60
C VAL A 694 15.02 15.23 7.26
N ASP A 695 16.03 14.66 6.60
CA ASP A 695 16.58 15.23 5.38
C ASP A 695 16.45 14.17 4.30
N PHE A 696 15.42 14.30 3.46
CA PHE A 696 15.16 13.27 2.46
C PHE A 696 16.23 13.25 1.38
N ASP A 697 16.86 14.39 1.10
CA ASP A 697 17.98 14.39 0.15
C ASP A 697 19.15 13.59 0.70
N GLN A 698 19.49 13.79 1.99
CA GLN A 698 20.58 13.04 2.59
C GLN A 698 20.29 11.55 2.60
N MET A 699 19.04 11.18 2.86
CA MET A 699 18.67 9.77 2.90
C MET A 699 18.81 9.18 1.49
N ASN A 700 18.51 9.98 0.47
CA ASN A 700 18.71 9.54 -0.92
C ASN A 700 20.18 9.36 -1.26
N MET A 701 21.08 10.18 -0.68
CA MET A 701 22.50 9.94 -0.88
C MET A 701 22.95 8.63 -0.23
N ARG A 702 22.38 8.28 0.92
CA ARG A 702 22.70 6.97 1.48
C ARG A 702 22.15 5.86 0.60
N THR A 703 20.94 6.02 0.07
CA THR A 703 20.40 5.03 -0.86
C THR A 703 21.36 4.82 -2.03
N LEU A 704 21.87 5.91 -2.58
CA LEU A 704 22.81 5.80 -3.70
C LEU A 704 24.09 5.09 -3.28
N ARG A 705 24.64 5.46 -2.11
CA ARG A 705 25.84 4.80 -1.61
C ARG A 705 25.61 3.30 -1.40
N ASN A 706 24.48 2.94 -0.83
CA ASN A 706 24.21 1.53 -0.55
C ASN A 706 23.89 0.76 -1.82
N THR A 707 23.32 1.43 -2.81
CA THR A 707 23.11 0.80 -4.12
C THR A 707 24.46 0.55 -4.80
N LEU A 708 25.32 1.56 -4.80
CA LEU A 708 26.65 1.41 -5.38
C LEU A 708 27.47 0.34 -4.65
N LEU A 709 27.38 0.32 -3.33
CA LEU A 709 28.15 -0.67 -2.58
C LEU A 709 27.71 -2.09 -2.96
N SER A 710 26.40 -2.29 -3.13
CA SER A 710 25.89 -3.59 -3.59
C SER A 710 26.45 -3.95 -4.96
N LEU A 711 26.40 -3.01 -5.91
CA LEU A 711 26.96 -3.27 -7.23
C LEU A 711 28.44 -3.64 -7.15
N LEU A 712 29.21 -2.90 -6.33
CA LEU A 712 30.64 -3.18 -6.24
C LEU A 712 30.93 -4.49 -5.53
N SER A 713 30.09 -4.88 -4.56
CA SER A 713 30.35 -6.11 -3.83
C SER A 713 30.04 -7.33 -4.69
N LYS A 714 28.91 -7.29 -5.40
CA LYS A 714 28.60 -8.38 -6.32
C LYS A 714 29.70 -8.53 -7.35
N ALA A 715 30.26 -7.41 -7.81
CA ALA A 715 31.34 -7.44 -8.78
C ALA A 715 32.69 -7.89 -8.20
N GLN A 716 32.80 -8.09 -6.88
CA GLN A 716 34.10 -8.39 -6.26
C GLN A 716 35.15 -7.35 -6.65
N TYR A 717 34.74 -6.08 -6.63
CA TYR A 717 35.66 -4.98 -6.85
C TYR A 717 36.86 -5.09 -5.90
N PRO A 718 38.09 -4.83 -6.37
CA PRO A 718 39.26 -5.09 -5.54
C PRO A 718 39.20 -4.43 -4.17
N ASN A 719 39.38 -5.24 -3.13
CA ASN A 719 39.44 -4.80 -1.74
C ASN A 719 38.18 -4.10 -1.26
N ILE A 720 37.04 -4.31 -1.93
CA ILE A 720 35.81 -3.68 -1.47
C ILE A 720 35.39 -4.20 -0.10
N LEU A 721 35.92 -5.35 0.34
CA LEU A 721 35.55 -5.85 1.65
C LEU A 721 36.01 -4.92 2.75
N ASN A 722 37.11 -4.19 2.53
CA ASN A 722 37.52 -3.17 3.50
C ASN A 722 36.43 -2.12 3.69
N GLU A 723 35.83 -1.68 2.59
CA GLU A 723 34.74 -0.71 2.68
C GLU A 723 33.53 -1.30 3.36
N ILE A 724 33.26 -2.58 3.11
CA ILE A 724 32.12 -3.22 3.74
C ILE A 724 32.28 -3.24 5.25
N ILE A 725 33.47 -3.64 5.73
CA ILE A 725 33.73 -3.72 7.16
C ILE A 725 33.59 -2.35 7.81
N GLU A 726 34.16 -1.32 7.17
CA GLU A 726 34.04 0.04 7.71
C GLU A 726 32.58 0.49 7.71
N HIS A 727 31.83 0.15 6.66
CA HIS A 727 30.41 0.46 6.60
C HIS A 727 29.65 -0.16 7.77
N SER A 728 30.06 -1.34 8.22
CA SER A 728 29.37 -2.01 9.32
C SER A 728 29.48 -1.24 10.63
N LYS A 729 30.44 -0.32 10.74
CA LYS A 729 30.66 0.50 11.92
C LYS A 729 29.86 1.80 11.90
N SER A 730 29.11 2.07 10.83
CA SER A 730 28.34 3.31 10.74
C SER A 730 27.22 3.33 11.78
N PRO A 731 26.93 4.50 12.35
CA PRO A 731 25.78 4.61 13.28
C PRO A 731 24.43 4.38 12.63
N TYR A 732 24.31 4.51 11.30
CA TYR A 732 23.02 4.48 10.61
C TYR A 732 22.62 3.06 10.29
N PRO A 733 21.46 2.56 10.77
CA PRO A 733 21.07 1.18 10.44
C PRO A 733 20.96 0.91 8.95
N SER A 734 20.52 1.87 8.14
CA SER A 734 20.49 1.63 6.70
C SER A 734 21.87 1.21 6.22
N ASN A 735 22.92 1.84 6.78
CA ASN A 735 24.28 1.48 6.40
C ASN A 735 24.70 0.14 6.98
N TRP A 736 24.54 -0.05 8.30
CA TRP A 736 25.12 -1.28 8.82
C TRP A 736 24.29 -2.51 8.47
N LEU A 737 22.99 -2.36 8.19
CA LEU A 737 22.25 -3.50 7.64
C LEU A 737 22.66 -3.77 6.19
N THR A 738 22.94 -2.71 5.42
CA THR A 738 23.48 -2.92 4.08
C THR A 738 24.78 -3.71 4.14
N SER A 739 25.64 -3.39 5.12
CA SER A 739 26.91 -4.10 5.21
C SER A 739 26.69 -5.60 5.38
N LEU A 740 25.64 -5.99 6.12
CA LEU A 740 25.29 -7.40 6.23
C LEU A 740 24.90 -7.99 4.87
N SER A 741 23.98 -7.33 4.15
CA SER A 741 23.53 -7.96 2.89
C SER A 741 24.63 -8.01 1.85
N VAL A 742 25.43 -6.94 1.70
CA VAL A 742 26.48 -7.01 0.66
C VAL A 742 27.64 -7.90 1.07
N SER A 743 27.82 -8.20 2.35
CA SER A 743 28.85 -9.13 2.75
C SER A 743 28.51 -10.57 2.40
N ALA A 744 27.29 -10.81 1.89
CA ALA A 744 26.89 -12.14 1.47
C ALA A 744 27.90 -12.77 0.51
N TYR A 745 28.58 -11.95 -0.28
CA TYR A 745 29.52 -12.42 -1.28
C TYR A 745 30.91 -12.65 -0.73
N PHE A 746 31.08 -12.61 0.59
CA PHE A 746 32.39 -12.77 1.22
C PHE A 746 32.32 -13.72 2.40
N ASP A 747 33.49 -14.19 2.82
CA ASP A 747 33.55 -15.11 3.95
C ASP A 747 33.25 -14.44 5.29
N LYS A 748 33.08 -13.12 5.31
CA LYS A 748 32.75 -12.42 6.56
C LYS A 748 31.26 -12.33 6.82
N TYR A 749 30.42 -12.96 6.00
CA TYR A 749 28.98 -12.80 6.14
C TYR A 749 28.51 -13.16 7.55
N PHE A 750 28.94 -14.31 8.07
CA PHE A 750 28.40 -14.72 9.37
C PHE A 750 28.99 -13.92 10.52
N GLU A 751 30.19 -13.38 10.35
CA GLU A 751 30.69 -12.43 11.34
C GLU A 751 29.81 -11.18 11.39
N LEU A 752 29.41 -10.67 10.22
CA LEU A 752 28.52 -9.51 10.21
C LEU A 752 27.09 -9.90 10.61
N TYR A 753 26.68 -11.12 10.30
CA TYR A 753 25.40 -11.65 10.79
C TYR A 753 25.30 -11.54 12.29
N ASP A 754 26.34 -12.00 13.01
CA ASP A 754 26.32 -11.98 14.47
C ASP A 754 26.42 -10.56 15.01
N LYS A 755 27.27 -9.73 14.40
CA LYS A 755 27.44 -8.36 14.87
C LYS A 755 26.15 -7.57 14.75
N THR A 756 25.50 -7.66 13.58
CA THR A 756 24.28 -6.88 13.38
C THR A 756 23.12 -7.47 14.15
N TYR A 757 23.11 -8.78 14.40
CA TYR A 757 22.10 -9.36 15.27
C TYR A 757 22.19 -8.75 16.66
N LYS A 758 23.41 -8.70 17.22
CA LYS A 758 23.61 -8.09 18.52
C LYS A 758 23.14 -6.64 18.53
N LEU A 759 23.37 -5.91 17.43
CA LEU A 759 22.91 -4.52 17.35
C LEU A 759 21.39 -4.42 17.28
N SER A 760 20.70 -5.47 16.82
CA SER A 760 19.28 -5.39 16.51
C SER A 760 18.38 -6.02 17.55
N LYS A 761 18.88 -6.94 18.36
CA LYS A 761 17.97 -7.87 19.05
C LYS A 761 17.17 -7.21 20.16
N ASP A 762 17.57 -6.04 20.62
CA ASP A 762 16.91 -5.42 21.78
C ASP A 762 15.91 -4.34 21.39
N ASP A 763 15.66 -4.14 20.09
CA ASP A 763 14.58 -3.29 19.62
C ASP A 763 13.70 -4.13 18.72
N GLU A 764 12.42 -4.25 19.08
CA GLU A 764 11.53 -5.16 18.38
C GLU A 764 11.47 -4.89 16.88
N LEU A 765 11.40 -3.62 16.50
CA LEU A 765 11.24 -3.29 15.09
C LEU A 765 12.57 -3.39 14.36
N LEU A 766 13.66 -3.01 15.01
CA LEU A 766 14.99 -3.18 14.39
C LEU A 766 15.28 -4.65 14.12
N LEU A 767 14.95 -5.51 15.08
CA LEU A 767 15.14 -6.94 14.88
C LEU A 767 14.34 -7.44 13.67
N GLN A 768 13.14 -6.90 13.47
CA GLN A 768 12.39 -7.28 12.28
C GLN A 768 13.08 -6.79 11.01
N GLU A 769 13.72 -5.61 11.06
CA GLU A 769 14.49 -5.15 9.90
C GLU A 769 15.71 -6.05 9.67
N TRP A 770 16.33 -6.53 10.76
CA TRP A 770 17.42 -7.48 10.64
C TRP A 770 16.95 -8.77 9.98
N LEU A 771 15.80 -9.27 10.40
CA LEU A 771 15.24 -10.48 9.79
C LEU A 771 15.04 -10.29 8.29
N LYS A 772 14.47 -9.15 7.88
CA LYS A 772 14.30 -8.88 6.45
C LYS A 772 15.65 -8.89 5.73
N THR A 773 16.66 -8.27 6.33
CA THR A 773 17.98 -8.22 5.72
C THR A 773 18.55 -9.62 5.52
N VAL A 774 18.43 -10.47 6.53
CA VAL A 774 18.87 -11.85 6.39
C VAL A 774 18.08 -12.55 5.29
N SER A 775 16.75 -12.45 5.36
CA SER A 775 15.86 -13.10 4.39
C SER A 775 16.20 -12.74 2.94
N ARG A 776 16.58 -11.48 2.72
CA ARG A 776 16.93 -10.93 1.42
CA ARG A 776 16.93 -10.92 1.41
C ARG A 776 18.35 -11.27 0.97
N SER A 777 19.19 -11.76 1.86
CA SER A 777 20.61 -11.96 1.57
C SER A 777 20.82 -12.90 0.40
N ASP A 778 21.71 -12.51 -0.52
CA ASP A 778 22.03 -13.32 -1.70
C ASP A 778 23.02 -14.41 -1.32
N ARG A 779 22.50 -15.43 -0.63
CA ARG A 779 23.29 -16.52 -0.07
C ARG A 779 22.93 -17.84 -0.74
N LYS A 780 23.95 -18.62 -1.12
CA LYS A 780 23.67 -19.94 -1.65
C LYS A 780 23.12 -20.88 -0.58
N ASP A 781 23.44 -20.62 0.70
CA ASP A 781 22.93 -21.41 1.80
C ASP A 781 21.69 -20.77 2.44
N ILE A 782 20.90 -20.03 1.65
CA ILE A 782 19.78 -19.28 2.21
C ILE A 782 18.74 -20.20 2.86
N TYR A 783 18.53 -21.41 2.33
CA TYR A 783 17.55 -22.32 2.96
C TYR A 783 18.00 -22.75 4.34
N GLU A 784 19.29 -23.08 4.47
CA GLU A 784 19.84 -23.39 5.78
C GLU A 784 19.75 -22.19 6.70
N ILE A 785 19.97 -20.98 6.17
CA ILE A 785 19.88 -19.78 6.99
C ILE A 785 18.44 -19.57 7.46
N LEU A 786 17.46 -19.79 6.58
CA LEU A 786 16.07 -19.63 6.98
C LEU A 786 15.70 -20.60 8.09
N LYS A 787 16.21 -21.84 8.02
CA LYS A 787 15.97 -22.80 9.08
C LYS A 787 16.55 -22.30 10.40
N LYS A 788 17.71 -21.67 10.35
CA LYS A 788 18.32 -21.09 11.54
C LYS A 788 17.45 -19.97 12.11
N LEU A 789 16.93 -19.09 11.25
CA LEU A 789 16.01 -18.03 11.73
C LEU A 789 14.79 -18.64 12.39
N GLU A 790 14.20 -19.68 11.79
CA GLU A 790 13.04 -20.33 12.37
C GLU A 790 13.35 -20.87 13.77
N ASN A 791 14.47 -21.57 13.91
CA ASN A 791 14.77 -22.24 15.17
C ASN A 791 15.22 -21.25 16.23
N GLU A 792 15.92 -20.19 15.84
CA GLU A 792 16.60 -19.37 16.83
C GLU A 792 15.92 -18.03 17.10
N VAL A 793 15.20 -17.45 16.14
CA VAL A 793 14.62 -16.12 16.28
C VAL A 793 13.11 -16.13 16.16
N LEU A 794 12.58 -16.69 15.06
CA LEU A 794 11.15 -16.60 14.78
C LEU A 794 10.34 -17.50 15.71
N LYS A 795 10.70 -18.78 15.79
CA LYS A 795 10.03 -19.78 16.63
C LYS A 795 8.54 -19.81 16.24
N ASP A 796 7.63 -19.93 17.20
CA ASP A 796 6.20 -19.96 16.87
C ASP A 796 5.54 -18.63 17.07
N SER A 797 6.26 -17.52 16.84
CA SER A 797 5.66 -16.20 16.90
C SER A 797 4.42 -16.13 16.02
N LYS A 798 3.37 -15.51 16.54
CA LYS A 798 2.19 -15.21 15.74
C LYS A 798 2.15 -13.75 15.33
N ASN A 799 3.23 -13.02 15.54
CA ASN A 799 3.26 -11.61 15.18
C ASN A 799 3.40 -11.50 13.66
N PRO A 800 2.44 -10.89 12.95
CA PRO A 800 2.56 -10.80 11.48
C PRO A 800 3.86 -10.14 11.04
N ASN A 801 4.34 -9.12 11.76
CA ASN A 801 5.59 -8.48 11.35
C ASN A 801 6.75 -9.46 11.36
N ASP A 802 6.76 -10.39 12.32
CA ASP A 802 7.85 -11.37 12.41
C ASP A 802 7.79 -12.33 11.23
N ILE A 803 6.60 -12.90 10.99
CA ILE A 803 6.43 -13.89 9.93
C ILE A 803 6.71 -13.25 8.56
N ARG A 804 6.15 -12.06 8.31
CA ARG A 804 6.37 -11.40 7.03
C ARG A 804 7.83 -11.06 6.81
N ALA A 805 8.52 -10.66 7.89
CA ALA A 805 9.93 -10.29 7.76
C ALA A 805 10.80 -11.49 7.41
N VAL A 806 10.49 -12.66 7.98
CA VAL A 806 11.34 -13.83 7.73
C VAL A 806 11.16 -14.33 6.30
N TYR A 807 9.94 -14.27 5.76
CA TYR A 807 9.63 -15.03 4.55
C TYR A 807 9.45 -14.21 3.29
N LEU A 808 8.82 -13.04 3.35
CA LEU A 808 8.53 -12.32 2.11
C LEU A 808 9.78 -11.85 1.37
N PRO A 809 10.81 -11.29 2.01
CA PRO A 809 11.98 -10.86 1.22
C PRO A 809 12.63 -12.01 0.46
N PHE A 810 12.77 -13.15 1.12
CA PHE A 810 13.30 -14.35 0.49
C PHE A 810 12.53 -14.71 -0.77
N THR A 811 11.20 -14.52 -0.76
CA THR A 811 10.44 -14.93 -1.95
C THR A 811 10.79 -14.08 -3.17
N ASN A 812 11.52 -12.98 -3.00
CA ASN A 812 11.97 -12.20 -4.13
C ASN A 812 13.35 -12.61 -4.60
N ASN A 813 13.92 -13.65 -4.01
CA ASN A 813 15.20 -14.18 -4.46
C ASN A 813 14.96 -14.98 -5.73
N LEU A 814 15.30 -14.39 -6.87
CA LEU A 814 14.90 -14.97 -8.15
C LEU A 814 15.49 -16.35 -8.34
N ARG A 815 16.77 -16.51 -8.00
CA ARG A 815 17.42 -17.79 -8.27
C ARG A 815 17.04 -18.86 -7.26
N ARG A 816 16.88 -18.51 -5.98
CA ARG A 816 16.69 -19.49 -4.91
CA ARG A 816 16.70 -19.50 -4.93
C ARG A 816 15.23 -19.79 -4.61
N PHE A 817 14.37 -18.76 -4.53
CA PHE A 817 12.96 -19.03 -4.24
C PHE A 817 12.37 -19.89 -5.34
N HIS A 818 12.77 -19.66 -6.59
CA HIS A 818 12.27 -20.38 -7.74
C HIS A 818 13.14 -21.58 -8.10
N ASP A 819 13.90 -22.10 -7.14
CA ASP A 819 14.67 -23.34 -7.33
C ASP A 819 13.80 -24.39 -8.01
N ILE A 820 14.35 -25.00 -9.07
CA ILE A 820 13.56 -25.85 -9.93
C ILE A 820 13.02 -27.09 -9.21
N SER A 821 13.58 -27.45 -8.05
CA SER A 821 13.03 -28.53 -7.25
C SER A 821 11.64 -28.21 -6.69
N GLY A 822 11.27 -26.94 -6.67
CA GLY A 822 10.04 -26.50 -6.04
C GLY A 822 10.13 -26.35 -4.53
N LYS A 823 11.31 -26.48 -3.95
CA LYS A 823 11.44 -26.48 -2.49
C LYS A 823 11.09 -25.12 -1.88
N GLY A 824 11.27 -24.04 -2.63
CA GLY A 824 10.85 -22.73 -2.12
C GLY A 824 9.35 -22.59 -2.10
N TYR A 825 8.68 -23.05 -3.17
CA TYR A 825 7.22 -23.07 -3.17
C TYR A 825 6.69 -23.95 -2.04
N LYS A 826 7.34 -25.09 -1.79
CA LYS A 826 6.92 -25.96 -0.71
C LYS A 826 7.03 -25.26 0.63
N LEU A 827 8.13 -24.53 0.82
CA LEU A 827 8.38 -23.88 2.11
C LEU A 827 7.33 -22.80 2.37
N ILE A 828 7.05 -21.94 1.39
CA ILE A 828 6.11 -20.85 1.65
CA ILE A 828 6.11 -20.86 1.66
C ILE A 828 4.69 -21.41 1.78
N ALA A 829 4.35 -22.48 1.07
CA ALA A 829 3.02 -23.05 1.25
C ALA A 829 2.84 -23.63 2.65
N GLU A 830 3.90 -24.25 3.19
CA GLU A 830 3.84 -24.72 4.57
C GLU A 830 3.62 -23.56 5.54
N VAL A 831 4.29 -22.42 5.29
CA VAL A 831 4.11 -21.25 6.15
C VAL A 831 2.70 -20.70 6.01
N ILE A 832 2.17 -20.62 4.78
CA ILE A 832 0.81 -20.13 4.57
C ILE A 832 -0.19 -20.99 5.33
N THR A 833 -0.09 -22.30 5.16
CA THR A 833 -1.03 -23.21 5.82
C THR A 833 -0.94 -23.10 7.33
N LYS A 834 0.29 -23.00 7.87
CA LYS A 834 0.48 -22.84 9.31
C LYS A 834 -0.12 -21.53 9.80
N THR A 835 0.09 -20.44 9.06
CA THR A 835 -0.42 -19.14 9.46
C THR A 835 -1.93 -19.08 9.36
N ASP A 836 -2.51 -19.79 8.37
CA ASP A 836 -3.95 -19.75 8.13
C ASP A 836 -4.75 -20.27 9.31
N LYS A 837 -4.13 -21.07 10.19
CA LYS A 837 -4.85 -21.60 11.33
CA LYS A 837 -4.82 -21.60 11.36
C LYS A 837 -5.20 -20.51 12.34
N PHE A 838 -4.43 -19.41 12.39
CA PHE A 838 -4.71 -18.35 13.34
C PHE A 838 -4.90 -16.97 12.73
N ASN A 839 -4.48 -16.73 11.48
CA ASN A 839 -4.64 -15.41 10.88
C ASN A 839 -4.82 -15.56 9.38
N PRO A 840 -6.06 -15.78 8.92
CA PRO A 840 -6.30 -15.97 7.48
C PRO A 840 -5.92 -14.77 6.63
N MET A 841 -6.14 -13.55 7.12
CA MET A 841 -5.77 -12.38 6.32
C MET A 841 -4.27 -12.41 6.01
N VAL A 842 -3.44 -12.63 7.04
CA VAL A 842 -2.00 -12.65 6.81
C VAL A 842 -1.60 -13.87 5.99
N ALA A 843 -2.30 -15.01 6.17
CA ALA A 843 -2.02 -16.15 5.29
C ALA A 843 -2.21 -15.78 3.83
N THR A 844 -3.25 -15.01 3.51
CA THR A 844 -3.40 -14.62 2.10
C THR A 844 -2.31 -13.66 1.67
N GLN A 845 -1.80 -12.80 2.57
CA GLN A 845 -0.69 -11.93 2.20
C GLN A 845 0.54 -12.73 1.83
N LEU A 846 0.78 -13.84 2.55
CA LEU A 846 1.93 -14.69 2.27
C LEU A 846 1.79 -15.45 0.95
N CYS A 847 0.61 -15.48 0.35
CA CYS A 847 0.42 -16.05 -0.98
C CYS A 847 0.98 -15.20 -2.10
N GLU A 848 1.44 -13.98 -1.81
CA GLU A 848 1.84 -13.05 -2.86
CA GLU A 848 1.86 -13.04 -2.85
C GLU A 848 2.75 -13.65 -3.92
N PRO A 849 3.77 -14.46 -3.59
CA PRO A 849 4.65 -14.95 -4.67
C PRO A 849 3.94 -15.82 -5.66
N PHE A 850 2.80 -16.43 -5.28
CA PHE A 850 2.07 -17.28 -6.22
C PHE A 850 1.27 -16.47 -7.24
N LYS A 851 1.16 -15.15 -7.08
CA LYS A 851 0.28 -14.39 -7.96
C LYS A 851 0.73 -14.46 -9.42
N LEU A 852 2.02 -14.68 -9.68
CA LEU A 852 2.51 -14.76 -11.04
C LEU A 852 2.61 -16.19 -11.57
N TRP A 853 2.00 -17.17 -10.89
CA TRP A 853 2.29 -18.57 -11.20
C TRP A 853 2.10 -18.90 -12.68
N ASN A 854 1.04 -18.39 -13.31
CA ASN A 854 0.78 -18.79 -14.68
C ASN A 854 1.61 -17.99 -15.68
N LYS A 855 2.54 -17.15 -15.21
CA LYS A 855 3.46 -16.43 -16.08
CA LYS A 855 3.44 -16.44 -16.11
C LYS A 855 4.82 -17.09 -16.20
N LEU A 856 5.09 -18.11 -15.40
CA LEU A 856 6.40 -18.74 -15.38
C LEU A 856 6.49 -19.83 -16.44
N ASP A 857 7.67 -20.44 -16.54
CA ASP A 857 7.88 -21.53 -17.48
C ASP A 857 7.01 -22.71 -17.07
N THR A 858 6.75 -23.63 -18.00
CA THR A 858 5.70 -24.61 -17.73
C THR A 858 6.04 -25.53 -16.56
N LYS A 859 7.32 -25.79 -16.31
CA LYS A 859 7.67 -26.61 -15.15
C LYS A 859 7.34 -25.90 -13.84
N ARG A 860 7.71 -24.62 -13.72
CA ARG A 860 7.46 -23.90 -12.49
C ARG A 860 5.96 -23.63 -12.31
N GLN A 861 5.23 -23.45 -13.40
CA GLN A 861 3.78 -23.38 -13.32
C GLN A 861 3.22 -24.63 -12.63
N GLU A 862 3.64 -25.79 -13.09
CA GLU A 862 3.18 -27.04 -12.48
C GLU A 862 3.56 -27.11 -11.01
N LEU A 863 4.79 -26.72 -10.68
CA LEU A 863 5.24 -26.80 -9.29
C LEU A 863 4.41 -25.88 -8.39
N MET A 864 4.20 -24.63 -8.82
CA MET A 864 3.40 -23.70 -8.03
C MET A 864 1.96 -24.19 -7.91
N LEU A 865 1.37 -24.64 -9.02
CA LEU A 865 -0.03 -25.09 -8.99
C LEU A 865 -0.20 -26.28 -8.05
N ASN A 866 0.79 -27.18 -8.03
CA ASN A 866 0.72 -28.32 -7.10
CA ASN A 866 0.73 -28.31 -7.11
C ASN A 866 0.67 -27.87 -5.65
N GLU A 867 1.50 -26.89 -5.27
CA GLU A 867 1.44 -26.43 -3.88
C GLU A 867 0.13 -25.73 -3.59
N MET A 868 -0.39 -24.99 -4.57
CA MET A 868 -1.65 -24.28 -4.35
C MET A 868 -2.79 -25.27 -4.22
N ASN A 869 -2.79 -26.33 -5.04
CA ASN A 869 -3.81 -27.37 -4.88
C ASN A 869 -3.66 -28.10 -3.55
N THR A 870 -2.41 -28.30 -3.11
CA THR A 870 -2.17 -28.91 -1.81
C THR A 870 -2.75 -28.04 -0.69
N MET A 871 -2.49 -26.73 -0.71
CA MET A 871 -3.11 -25.87 0.29
C MET A 871 -4.64 -25.88 0.20
N LEU A 872 -5.19 -25.96 -1.01
CA LEU A 872 -6.64 -25.98 -1.15
C LEU A 872 -7.27 -27.25 -0.59
N GLN A 873 -6.50 -28.33 -0.47
CA GLN A 873 -7.02 -29.60 0.05
C GLN A 873 -6.98 -29.67 1.56
N GLU A 874 -6.45 -28.66 2.24
CA GLU A 874 -6.37 -28.70 3.71
C GLU A 874 -7.78 -28.65 4.28
N PRO A 875 -8.20 -29.65 5.06
CA PRO A 875 -9.59 -29.67 5.53
C PRO A 875 -9.97 -28.44 6.34
N GLN A 876 -9.00 -27.80 7.00
CA GLN A 876 -9.28 -26.68 7.88
C GLN A 876 -9.02 -25.33 7.23
N ILE A 877 -8.94 -25.27 5.90
CA ILE A 877 -8.62 -24.02 5.23
C ILE A 877 -9.68 -22.95 5.53
N SER A 878 -9.19 -21.72 5.74
CA SER A 878 -10.06 -20.60 6.03
C SER A 878 -10.88 -20.20 4.80
N ASN A 879 -11.95 -19.45 5.07
CA ASN A 879 -12.71 -18.86 3.97
C ASN A 879 -11.84 -17.95 3.11
N ASN A 880 -11.03 -17.09 3.76
CA ASN A 880 -10.14 -16.17 3.05
C ASN A 880 -9.25 -16.91 2.06
N LEU A 881 -8.52 -17.90 2.59
CA LEU A 881 -7.49 -18.54 1.79
C LEU A 881 -8.12 -19.39 0.69
N LYS A 882 -9.23 -20.07 1.00
CA LYS A 882 -9.90 -20.87 -0.01
C LYS A 882 -10.37 -19.99 -1.18
N GLU A 883 -11.06 -18.90 -0.89
CA GLU A 883 -11.58 -18.04 -1.94
C GLU A 883 -10.45 -17.46 -2.76
N TYR A 884 -9.37 -17.03 -2.10
CA TYR A 884 -8.23 -16.46 -2.79
C TYR A 884 -7.60 -17.47 -3.75
N LEU A 885 -7.30 -18.66 -3.25
CA LEU A 885 -6.62 -19.65 -4.09
C LEU A 885 -7.54 -20.19 -5.17
N LEU A 886 -8.85 -20.25 -4.91
CA LEU A 886 -9.76 -20.69 -5.97
C LEU A 886 -9.75 -19.69 -7.13
N ARG A 887 -9.82 -18.40 -6.81
CA ARG A 887 -9.75 -17.36 -7.84
C ARG A 887 -8.40 -17.36 -8.53
N LEU A 888 -7.32 -17.48 -7.76
CA LEU A 888 -5.98 -17.40 -8.36
C LEU A 888 -5.70 -18.58 -9.28
N THR A 889 -6.24 -19.75 -8.98
CA THR A 889 -5.97 -20.92 -9.81
C THR A 889 -7.04 -21.16 -10.87
N ASN A 890 -7.94 -20.19 -11.08
CA ASN A 890 -8.96 -20.31 -12.13
C ASN A 890 -9.85 -21.54 -11.94
N LYS A 891 -10.33 -21.74 -10.73
CA LYS A 891 -11.29 -22.84 -10.51
C LYS A 891 -12.71 -22.31 -10.62
ZN ZN B . -6.86 4.06 4.08
C10 X10 C . -3.14 -2.85 3.02
C13 X10 C . -5.79 1.78 5.29
C17 X10 C . -6.00 -0.73 5.88
C20 X10 C . -7.54 -2.88 6.62
C21 X10 C . -8.30 -4.12 7.04
C22 X10 C . -9.30 -4.69 6.30
C02 X10 C . -2.73 -0.10 4.86
C03 X10 C . -1.75 -0.36 3.71
C05 X10 C . -3.11 -1.80 2.11
C06 X10 C . -3.66 -1.97 0.83
C07 X10 C . -4.26 -3.18 0.50
C08 X10 C . -4.30 -4.22 1.42
C09 X10 C . -3.74 -4.06 2.67
C12 X10 C . -5.13 0.44 5.49
C18 X10 C . -6.03 -1.85 5.08
C19 X10 C . -6.79 -2.95 5.45
C23 X10 C . -9.88 -5.85 6.80
C25 X10 C . -9.46 -6.43 7.98
C27 X10 C . -8.43 -5.85 8.70
C29 X10 C . -7.84 -4.69 8.22
C30 X10 C . -7.51 -1.76 7.43
C31 X10 C . -6.74 -0.66 7.05
F24 X10 C . -10.89 -6.40 6.10
F26 X10 C . -10.04 -7.57 8.44
F28 X10 C . -7.99 -6.44 9.84
N04 X10 C . -2.48 -0.53 2.47
N11 X10 C . -4.10 0.16 4.50
N14 X10 C . -5.73 2.70 6.38
O01 X10 C . -2.36 -0.08 5.99
O15 X10 C . -6.36 3.90 6.05
O16 X10 C . -6.30 2.13 4.25
MG MG D . 7.52 -9.74 19.73
MG MG E . 1.66 4.93 0.72
MG MG F . -16.06 -16.13 20.69
MG MG G . -0.12 26.76 8.62
MG MG H . -10.62 -17.28 -13.37
C1 GOL I . -11.14 -15.62 10.96
O1 GOL I . -10.22 -16.19 11.87
C2 GOL I . -10.47 -14.42 10.18
O2 GOL I . -10.90 -14.35 8.86
C3 GOL I . -10.89 -13.17 10.97
O3 GOL I . -10.01 -12.16 10.62
C1 GOL J . 2.21 -2.48 7.04
O1 GOL J . 3.33 -1.84 7.66
C2 GOL J . 2.36 -3.99 7.08
O2 GOL J . 1.66 -4.62 6.05
C3 GOL J . 3.84 -4.17 6.95
O3 GOL J . 4.25 -4.60 8.19
C1 GOL K . -3.54 -8.29 -1.18
O1 GOL K . -4.45 -7.28 -1.42
C2 GOL K . -4.27 -9.37 -0.36
O2 GOL K . -3.58 -10.57 -0.37
C3 GOL K . -5.65 -9.50 -1.04
O3 GOL K . -6.32 -10.51 -0.37
#